data_3HHA
#
_entry.id   3HHA
#
_cell.length_a   57.260
_cell.length_b   62.690
_cell.length_c   68.240
_cell.angle_alpha   105.60
_cell.angle_beta   93.22
_cell.angle_gamma   115.55
#
_symmetry.space_group_name_H-M   'P 1'
#
loop_
_entity.id
_entity.type
_entity.pdbx_description
1 polymer 'Cathepsin L1'
2 non-polymer Nalpha-[(3-tert-butyl-1-methyl-1H-pyrazol-5-yl)carbonyl]-N-[(2Z)-2-iminoethyl]-3-methyl-L-phenylalaninamide
3 non-polymer 'TETRAETHYLENE GLYCOL'
4 non-polymer 'ACETATE ION'
5 non-polymer 'TRIETHYLENE GLYCOL'
6 non-polymer GLYCEROL
7 water water
#
_entity_poly.entity_id   1
_entity_poly.type   'polypeptide(L)'
_entity_poly.pdbx_seq_one_letter_code
;APRSVDWREKGYVTPVKNQGQCGSCWAFSATGALEGQMFRKTGRLISLSEQNLVDCSGPQGNEGCNGGLMDYAFQYVQDN
GGLDSEESYPYEATEESCKYNPKYSVANDAGFVDIPKQEKALMKAVATVGPISVAIDAGHESFLFYKEGIYFEPDCSSED
MDHGVLVVGYGFESTESDNNKYWLVKNSWGEEWGMGGYVKMAKDRRNHCGIASAASYPTV
;
_entity_poly.pdbx_strand_id   A,B,C,D
#
# COMPACT_ATOMS: atom_id res chain seq x y z
N ALA A 1 28.52 -20.03 33.61
CA ALA A 1 28.64 -18.95 34.60
C ALA A 1 27.60 -19.13 35.69
N PRO A 2 27.73 -18.41 36.82
CA PRO A 2 26.65 -18.35 37.80
C PRO A 2 25.41 -17.70 37.19
N ARG A 3 24.26 -17.86 37.85
CA ARG A 3 23.00 -17.26 37.37
C ARG A 3 23.04 -15.74 37.53
N SER A 4 23.79 -15.26 38.53
N SER A 4 23.82 -15.26 38.49
CA SER A 4 23.90 -13.82 38.83
CA SER A 4 23.97 -13.83 38.69
C SER A 4 25.28 -13.52 39.38
C SER A 4 25.32 -13.54 39.30
N VAL A 5 25.77 -12.30 39.11
CA VAL A 5 27.03 -11.79 39.66
C VAL A 5 26.84 -10.34 40.04
N ASP A 6 27.45 -9.92 41.16
CA ASP A 6 27.48 -8.50 41.54
C ASP A 6 28.80 -8.25 42.26
N TRP A 7 29.78 -7.74 41.51
CA TRP A 7 31.11 -7.50 42.05
C TRP A 7 31.17 -6.42 43.11
N ARG A 8 30.13 -5.59 43.22
CA ARG A 8 30.11 -4.59 44.28
C ARG A 8 30.13 -5.24 45.65
N GLU A 9 29.46 -6.38 45.78
N GLU A 9 29.47 -6.39 45.75
CA GLU A 9 29.35 -7.05 47.09
CA GLU A 9 29.35 -7.14 47.00
C GLU A 9 30.63 -7.82 47.44
C GLU A 9 30.68 -7.66 47.48
N LYS A 10 31.59 -7.87 46.52
CA LYS A 10 32.88 -8.47 46.76
C LYS A 10 34.01 -7.50 46.95
N GLY A 11 33.71 -6.21 46.92
CA GLY A 11 34.72 -5.19 47.22
C GLY A 11 35.50 -4.65 46.04
N TYR A 12 35.05 -4.96 44.82
CA TYR A 12 35.78 -4.64 43.59
C TYR A 12 35.49 -3.25 43.01
N VAL A 13 34.50 -2.54 43.54
CA VAL A 13 33.92 -1.39 42.83
C VAL A 13 33.86 -0.18 43.73
N THR A 14 34.40 0.93 43.24
CA THR A 14 34.34 2.21 43.95
C THR A 14 32.95 2.83 43.79
N PRO A 15 32.61 3.85 44.59
CA PRO A 15 31.36 4.58 44.35
C PRO A 15 31.25 5.20 42.96
N VAL A 16 30.04 5.55 42.58
CA VAL A 16 29.79 6.21 41.32
C VAL A 16 30.44 7.59 41.29
N LYS A 17 31.08 7.89 40.18
CA LYS A 17 31.76 9.17 39.94
C LYS A 17 30.96 9.96 38.89
N ASN A 18 31.39 11.18 38.62
CA ASN A 18 30.72 12.04 37.68
C ASN A 18 31.76 12.70 36.79
N GLN A 19 31.70 12.39 35.51
CA GLN A 19 32.65 12.89 34.54
C GLN A 19 32.41 14.38 34.20
N GLY A 20 31.28 14.92 34.63
CA GLY A 20 31.00 16.32 34.32
C GLY A 20 30.74 16.49 32.83
N GLN A 21 31.08 17.65 32.28
CA GLN A 21 30.79 17.90 30.86
C GLN A 21 31.93 17.53 29.89
N CYS A 22 32.93 16.81 30.40
CA CYS A 22 34.07 16.35 29.62
C CYS A 22 33.75 14.97 29.02
N GLY A 23 34.17 14.77 27.76
CA GLY A 23 33.99 13.49 27.07
C GLY A 23 34.97 12.41 27.49
N SER A 24 35.04 12.17 28.78
CA SER A 24 36.04 11.30 29.38
C SER A 24 35.47 9.99 29.88
N CYS A 25 34.31 9.62 29.39
CA CYS A 25 33.69 8.34 29.82
C CYS A 25 34.65 7.17 29.74
N TRP A 26 35.43 7.13 28.67
CA TRP A 26 36.43 6.12 28.46
C TRP A 26 37.41 5.97 29.62
N ALA A 27 37.76 7.11 30.21
CA ALA A 27 38.69 7.12 31.35
C ALA A 27 38.05 6.54 32.61
N PHE A 28 36.77 6.84 32.82
CA PHE A 28 36.02 6.26 33.92
C PHE A 28 35.79 4.76 33.77
N SER A 29 35.49 4.33 32.54
CA SER A 29 35.34 2.91 32.28
C SER A 29 36.66 2.18 32.55
N ALA A 30 37.77 2.79 32.11
CA ALA A 30 39.09 2.18 32.28
C ALA A 30 39.54 2.16 33.73
N THR A 31 39.36 3.25 34.46
CA THR A 31 39.70 3.21 35.88
C THR A 31 38.85 2.20 36.62
N GLY A 32 37.57 2.10 36.27
CA GLY A 32 36.72 1.08 36.93
C GLY A 32 37.22 -0.34 36.72
N ALA A 33 37.62 -0.65 35.50
CA ALA A 33 38.11 -1.98 35.24
C ALA A 33 39.44 -2.24 35.94
N LEU A 34 40.31 -1.25 35.95
N LEU A 34 40.31 -1.25 35.92
CA LEU A 34 41.60 -1.43 36.60
CA LEU A 34 41.60 -1.35 36.62
C LEU A 34 41.48 -1.41 38.14
C LEU A 34 41.44 -1.45 38.13
N GLU A 35 40.52 -0.66 38.68
CA GLU A 35 40.23 -0.72 40.12
C GLU A 35 39.87 -2.16 40.50
N GLY A 36 39.03 -2.79 39.66
CA GLY A 36 38.65 -4.15 39.93
C GLY A 36 39.79 -5.14 39.87
N GLN A 37 40.63 -5.01 38.84
CA GLN A 37 41.73 -5.94 38.68
C GLN A 37 42.81 -5.73 39.72
N MET A 38 43.07 -4.48 40.10
CA MET A 38 44.00 -4.24 41.20
C MET A 38 43.49 -4.83 42.49
N PHE A 39 42.18 -4.74 42.74
CA PHE A 39 41.63 -5.37 43.94
C PHE A 39 41.79 -6.90 43.92
N ARG A 40 41.51 -7.50 42.78
CA ARG A 40 41.75 -8.93 42.59
C ARG A 40 43.19 -9.31 42.93
N LYS A 41 44.13 -8.48 42.52
CA LYS A 41 45.56 -8.75 42.70
C LYS A 41 46.03 -8.55 44.16
N THR A 42 45.58 -7.47 44.80
CA THR A 42 46.15 -7.05 46.07
C THR A 42 45.21 -7.13 47.26
N GLY A 43 43.91 -7.24 47.00
CA GLY A 43 42.93 -7.14 48.08
C GLY A 43 42.64 -5.74 48.60
N ARG A 44 43.14 -4.72 47.88
CA ARG A 44 42.91 -3.33 48.26
C ARG A 44 42.24 -2.58 47.13
N LEU A 45 41.12 -1.92 47.45
CA LEU A 45 40.39 -1.09 46.50
C LEU A 45 40.90 0.33 46.66
N ILE A 46 41.47 0.88 45.60
CA ILE A 46 41.96 2.24 45.59
C ILE A 46 41.42 2.97 44.36
N SER A 47 40.72 4.07 44.57
CA SER A 47 40.17 4.84 43.48
C SER A 47 41.30 5.44 42.64
N LEU A 48 41.17 5.32 41.32
CA LEU A 48 42.21 5.74 40.39
C LEU A 48 41.88 7.00 39.63
N SER A 49 42.92 7.65 39.12
CA SER A 49 42.79 8.97 38.54
C SER A 49 42.38 8.97 37.06
N GLU A 50 41.14 9.37 36.80
CA GLU A 50 40.73 9.59 35.44
C GLU A 50 41.46 10.77 34.81
N GLN A 51 41.74 11.79 35.63
CA GLN A 51 42.43 12.96 35.10
C GLN A 51 43.83 12.61 34.57
N ASN A 52 44.51 11.70 35.24
CA ASN A 52 45.80 11.19 34.78
C ASN A 52 45.64 10.64 33.36
N LEU A 53 44.59 9.86 33.14
CA LEU A 53 44.33 9.30 31.79
C LEU A 53 44.00 10.39 30.79
N VAL A 54 43.12 11.30 31.16
CA VAL A 54 42.72 12.39 30.27
C VAL A 54 43.93 13.24 29.84
N ASP A 55 44.80 13.57 30.77
CA ASP A 55 45.92 14.47 30.52
C ASP A 55 47.09 13.79 29.81
N CYS A 56 47.24 12.50 30.00
N CYS A 56 47.26 12.50 30.03
CA CYS A 56 48.51 11.84 29.73
CA CYS A 56 48.53 11.84 29.70
C CYS A 56 48.51 10.76 28.66
C CYS A 56 48.50 10.83 28.57
N SER A 57 47.34 10.26 28.26
CA SER A 57 47.28 9.12 27.32
C SER A 57 47.06 9.47 25.86
N GLY A 58 47.34 10.73 25.50
CA GLY A 58 47.37 11.11 24.11
C GLY A 58 48.30 10.26 23.26
N PRO A 59 49.51 9.99 23.73
CA PRO A 59 50.43 9.25 22.88
C PRO A 59 49.91 7.87 22.46
N GLN A 60 49.00 7.30 23.24
CA GLN A 60 48.40 6.00 22.93
C GLN A 60 47.20 6.13 22.00
N GLY A 61 46.80 7.37 21.73
CA GLY A 61 45.73 7.64 20.82
C GLY A 61 44.51 8.34 21.37
N ASN A 62 44.44 8.50 22.67
CA ASN A 62 43.30 9.18 23.28
C ASN A 62 43.29 10.66 23.03
N GLU A 63 42.10 11.24 23.12
CA GLU A 63 41.86 12.63 22.80
C GLU A 63 41.18 13.40 23.92
N GLY A 64 41.54 13.04 25.15
CA GLY A 64 41.11 13.81 26.31
C GLY A 64 39.62 13.94 26.45
N CYS A 65 39.13 15.17 26.61
CA CYS A 65 37.68 15.40 26.72
C CYS A 65 36.97 15.29 25.37
N ASN A 66 37.71 15.07 24.29
CA ASN A 66 37.13 14.85 22.97
C ASN A 66 36.88 13.36 22.66
N GLY A 67 37.24 12.49 23.58
CA GLY A 67 36.94 11.06 23.49
C GLY A 67 38.18 10.21 23.53
N GLY A 68 37.97 8.92 23.60
CA GLY A 68 39.05 7.96 23.75
C GLY A 68 38.56 6.54 23.82
N LEU A 69 39.51 5.62 24.02
CA LEU A 69 39.21 4.20 24.11
C LEU A 69 39.81 3.62 25.35
N MET A 70 39.09 2.70 25.97
CA MET A 70 39.59 2.06 27.15
C MET A 70 40.89 1.30 26.89
N ASP A 71 41.02 0.67 25.74
CA ASP A 71 42.23 -0.08 25.46
C ASP A 71 43.45 0.82 25.38
N TYR A 72 43.26 2.01 24.84
CA TYR A 72 44.34 2.99 24.78
C TYR A 72 44.76 3.43 26.19
N ALA A 73 43.79 3.59 27.09
CA ALA A 73 44.08 3.83 28.50
C ALA A 73 44.88 2.69 29.14
N PHE A 74 44.47 1.45 28.89
CA PHE A 74 45.21 0.31 29.43
C PHE A 74 46.63 0.28 28.85
N GLN A 75 46.78 0.63 27.58
CA GLN A 75 48.10 0.72 26.97
C GLN A 75 48.94 1.82 27.60
N TYR A 76 48.33 2.96 27.88
CA TYR A 76 49.07 4.02 28.60
C TYR A 76 49.62 3.52 29.95
N VAL A 77 48.78 2.86 30.73
CA VAL A 77 49.22 2.42 32.05
C VAL A 77 50.40 1.46 31.90
N GLN A 78 50.34 0.57 30.91
CA GLN A 78 51.45 -0.35 30.64
C GLN A 78 52.71 0.43 30.23
N ASP A 79 52.60 1.31 29.25
CA ASP A 79 53.75 2.07 28.71
C ASP A 79 54.37 2.97 29.78
N ASN A 80 53.50 3.55 30.59
CA ASN A 80 53.89 4.51 31.60
C ASN A 80 54.45 3.87 32.86
N GLY A 81 54.13 2.61 33.08
CA GLY A 81 54.51 1.92 34.29
C GLY A 81 53.74 2.33 35.52
N GLY A 82 52.55 2.90 35.37
CA GLY A 82 51.76 3.28 36.51
C GLY A 82 50.60 4.17 36.20
N LEU A 83 49.80 4.40 37.24
CA LEU A 83 48.67 5.31 37.21
C LEU A 83 48.45 5.82 38.62
N ASP A 84 48.30 7.12 38.76
CA ASP A 84 48.13 7.74 40.06
C ASP A 84 46.75 7.49 40.67
N SER A 85 46.70 7.56 41.99
CA SER A 85 45.41 7.50 42.69
C SER A 85 44.55 8.74 42.40
N GLU A 86 43.25 8.57 42.51
CA GLU A 86 42.32 9.68 42.45
C GLU A 86 42.65 10.76 43.48
N GLU A 87 43.00 10.35 44.69
CA GLU A 87 43.31 11.28 45.77
C GLU A 87 44.48 12.19 45.39
N SER A 88 45.50 11.60 44.79
CA SER A 88 46.73 12.32 44.45
C SER A 88 46.59 13.17 43.19
N TYR A 89 45.65 12.81 42.31
CA TYR A 89 45.56 13.41 40.98
C TYR A 89 44.07 13.56 40.68
N PRO A 90 43.46 14.52 41.36
CA PRO A 90 42.01 14.61 41.35
C PRO A 90 41.40 15.07 40.03
N TYR A 91 40.11 14.81 39.90
CA TYR A 91 39.41 15.04 38.64
C TYR A 91 38.94 16.48 38.49
N GLU A 92 39.24 17.09 37.35
CA GLU A 92 38.96 18.50 37.05
C GLU A 92 37.99 18.75 35.90
N ALA A 93 37.63 17.70 35.18
CA ALA A 93 36.65 17.77 34.09
C ALA A 93 37.03 18.68 32.93
N THR A 94 38.34 18.80 32.74
CA THR A 94 38.88 19.54 31.59
C THR A 94 40.31 19.07 31.35
N GLU A 95 40.77 19.11 30.12
CA GLU A 95 42.12 18.60 29.82
C GLU A 95 43.19 19.59 30.30
N GLU A 96 44.23 19.07 30.93
CA GLU A 96 45.35 19.87 31.40
C GLU A 96 46.62 19.11 31.00
N SER A 97 47.78 19.72 31.18
CA SER A 97 49.02 19.02 30.87
C SER A 97 49.21 17.86 31.86
N CYS A 98 50.02 16.90 31.47
N CYS A 98 49.98 16.87 31.43
CA CYS A 98 50.25 15.71 32.24
CA CYS A 98 50.35 15.73 32.25
C CYS A 98 51.11 16.01 33.46
C CYS A 98 51.06 16.16 33.51
N LYS A 99 50.64 15.60 34.63
CA LYS A 99 51.39 15.73 35.88
C LYS A 99 51.47 14.42 36.63
N TYR A 100 51.60 13.34 35.89
CA TYR A 100 51.84 12.05 36.47
C TYR A 100 53.05 12.11 37.39
N ASN A 101 52.90 11.55 38.59
CA ASN A 101 53.97 11.43 39.56
C ASN A 101 54.10 9.98 39.98
N PRO A 102 55.24 9.32 39.70
CA PRO A 102 55.34 7.92 40.02
C PRO A 102 55.27 7.62 41.54
N LYS A 103 55.53 8.63 42.36
CA LYS A 103 55.45 8.48 43.81
C LYS A 103 54.07 8.08 44.26
N TYR A 104 53.06 8.55 43.52
CA TYR A 104 51.66 8.34 43.88
C TYR A 104 50.98 7.29 42.99
N SER A 105 51.76 6.51 42.26
CA SER A 105 51.19 5.44 41.45
C SER A 105 50.73 4.32 42.34
N VAL A 106 49.52 3.83 42.09
CA VAL A 106 48.95 2.74 42.88
C VAL A 106 48.44 1.61 42.01
N ALA A 107 48.68 1.68 40.70
CA ALA A 107 48.19 0.65 39.79
C ALA A 107 49.17 0.46 38.65
N ASN A 108 49.11 -0.69 38.02
N ASN A 108 49.10 -0.72 38.07
CA ASN A 108 49.86 -0.96 36.81
CA ASN A 108 49.88 -1.12 36.90
C ASN A 108 49.15 -2.07 36.04
C ASN A 108 49.04 -2.03 36.01
N ASP A 109 49.46 -2.19 34.76
CA ASP A 109 48.98 -3.29 33.97
C ASP A 109 49.98 -3.70 32.90
N ALA A 110 49.80 -4.90 32.39
CA ALA A 110 50.69 -5.51 31.43
C ALA A 110 50.00 -5.71 30.10
N GLY A 111 49.04 -4.84 29.79
CA GLY A 111 48.26 -4.97 28.55
C GLY A 111 46.79 -5.16 28.84
N PHE A 112 46.09 -5.72 27.87
CA PHE A 112 44.64 -5.90 27.95
C PHE A 112 44.21 -7.07 27.11
N VAL A 113 42.97 -7.50 27.35
CA VAL A 113 42.31 -8.58 26.64
C VAL A 113 41.00 -8.04 26.07
N ASP A 114 40.82 -8.22 24.78
CA ASP A 114 39.57 -7.91 24.08
C ASP A 114 38.72 -9.16 24.05
N ILE A 115 37.49 -9.02 24.50
CA ILE A 115 36.57 -10.17 24.62
C ILE A 115 35.85 -10.39 23.29
N PRO A 116 35.66 -11.66 22.88
CA PRO A 116 34.87 -11.91 21.68
C PRO A 116 33.52 -11.20 21.72
N LYS A 117 33.02 -10.84 20.54
CA LYS A 117 31.89 -9.91 20.42
C LYS A 117 30.55 -10.62 20.51
N GLN A 118 30.32 -11.28 21.62
CA GLN A 118 28.98 -11.82 21.89
C GLN A 118 28.81 -11.99 23.40
N GLU A 119 27.55 -12.13 23.79
CA GLU A 119 27.20 -11.99 25.18
C GLU A 119 27.53 -13.20 26.03
N LYS A 120 27.66 -14.38 25.44
CA LYS A 120 28.12 -15.53 26.23
C LYS A 120 29.55 -15.32 26.68
N ALA A 121 30.40 -14.82 25.79
CA ALA A 121 31.78 -14.55 26.12
C ALA A 121 31.85 -13.42 27.16
N LEU A 122 31.02 -12.38 26.98
CA LEU A 122 31.03 -11.30 27.95
C LEU A 122 30.62 -11.82 29.33
N MET A 123 29.60 -12.69 29.38
CA MET A 123 29.16 -13.23 30.66
C MET A 123 30.27 -14.04 31.32
N LYS A 124 30.96 -14.88 30.52
N LYS A 124 30.98 -14.87 30.54
CA LYS A 124 32.11 -15.65 31.02
CA LYS A 124 32.08 -15.64 31.09
C LYS A 124 33.15 -14.72 31.66
C LYS A 124 33.18 -14.74 31.65
N ALA A 125 33.48 -13.64 30.96
CA ALA A 125 34.49 -12.68 31.43
C ALA A 125 34.04 -11.99 32.69
N VAL A 126 32.80 -11.51 32.73
CA VAL A 126 32.30 -10.89 33.96
C VAL A 126 32.39 -11.88 35.12
N ALA A 127 32.03 -13.14 34.89
CA ALA A 127 31.97 -14.09 35.99
C ALA A 127 33.35 -14.48 36.49
N THR A 128 34.35 -14.54 35.60
CA THR A 128 35.64 -15.11 35.92
C THR A 128 36.74 -14.08 36.14
N VAL A 129 36.56 -12.84 35.67
CA VAL A 129 37.60 -11.82 35.73
C VAL A 129 37.28 -10.75 36.74
N GLY A 130 36.10 -10.16 36.66
CA GLY A 130 35.76 -8.97 37.42
C GLY A 130 34.99 -8.01 36.54
N PRO A 131 34.83 -6.78 37.00
CA PRO A 131 34.22 -5.74 36.18
C PRO A 131 34.91 -5.57 34.82
N ILE A 132 34.11 -5.36 33.78
CA ILE A 132 34.58 -5.33 32.40
C ILE A 132 34.25 -3.99 31.76
N SER A 133 35.22 -3.36 31.12
CA SER A 133 34.95 -2.13 30.33
C SER A 133 34.18 -2.48 29.06
N VAL A 134 33.14 -1.72 28.79
CA VAL A 134 32.33 -1.91 27.59
C VAL A 134 31.93 -0.55 27.05
N ALA A 135 31.57 -0.54 25.77
CA ALA A 135 30.93 0.60 25.18
C ALA A 135 29.50 0.28 24.75
N ILE A 136 28.62 1.27 24.90
CA ILE A 136 27.21 1.12 24.54
C ILE A 136 26.74 2.29 23.71
N ASP A 137 25.65 2.06 23.00
CA ASP A 137 24.89 3.13 22.35
C ASP A 137 24.02 3.76 23.42
N ALA A 138 24.46 4.91 23.94
CA ALA A 138 23.73 5.66 24.96
C ALA A 138 23.04 6.89 24.34
N GLY A 139 22.95 6.96 23.02
CA GLY A 139 22.48 8.15 22.30
C GLY A 139 20.99 8.25 22.11
N HIS A 140 20.22 8.10 23.20
CA HIS A 140 18.78 8.22 23.16
C HIS A 140 18.30 8.88 24.43
N GLU A 141 17.26 9.67 24.29
CA GLU A 141 16.61 10.29 25.42
C GLU A 141 16.20 9.29 26.49
N SER A 142 15.77 8.10 26.09
CA SER A 142 15.39 7.06 27.04
C SER A 142 16.53 6.72 28.01
N PHE A 143 17.75 6.80 27.52
CA PHE A 143 18.92 6.50 28.35
C PHE A 143 19.15 7.67 29.33
N LEU A 144 19.07 8.90 28.85
CA LEU A 144 19.20 10.08 29.71
C LEU A 144 18.20 10.03 30.84
N PHE A 145 16.95 9.64 30.55
CA PHE A 145 15.87 9.71 31.52
C PHE A 145 15.65 8.41 32.29
N TYR A 146 16.49 7.41 32.06
CA TYR A 146 16.37 6.12 32.74
C TYR A 146 16.36 6.26 34.26
N LYS A 147 15.36 5.60 34.86
N LYS A 147 15.54 5.50 34.95
CA LYS A 147 15.06 5.62 36.32
CA LYS A 147 15.62 5.49 36.40
C LYS A 147 15.41 4.23 36.93
C LYS A 147 15.45 4.13 37.05
N GLU A 148 14.75 3.20 36.43
CA GLU A 148 14.69 1.87 37.00
C GLU A 148 14.34 0.86 35.92
N GLY A 149 14.49 -0.43 36.23
CA GLY A 149 14.07 -1.51 35.36
C GLY A 149 15.15 -1.89 34.37
N ILE A 150 14.82 -2.75 33.41
CA ILE A 150 15.78 -3.23 32.47
C ILE A 150 15.65 -2.39 31.20
N TYR A 151 16.71 -1.64 30.89
CA TYR A 151 16.72 -0.74 29.74
C TYR A 151 16.69 -1.51 28.43
N PHE A 152 15.70 -1.20 27.61
CA PHE A 152 15.59 -1.74 26.27
C PHE A 152 15.11 -0.63 25.35
N GLU A 153 15.87 -0.32 24.34
CA GLU A 153 15.55 0.80 23.48
C GLU A 153 15.44 0.25 22.06
N PRO A 154 14.22 0.27 21.47
CA PRO A 154 14.09 -0.25 20.12
C PRO A 154 15.08 0.25 19.11
N ASP A 155 15.48 1.52 19.22
CA ASP A 155 16.39 2.12 18.24
C ASP A 155 17.88 1.97 18.58
N CYS A 156 18.21 1.14 19.56
CA CYS A 156 19.62 0.96 19.91
C CYS A 156 20.39 0.23 18.83
N SER A 157 21.63 0.64 18.62
CA SER A 157 22.51 0.03 17.67
C SER A 157 23.53 -0.88 18.36
N SER A 158 23.85 -1.99 17.72
N SER A 158 23.85 -1.98 17.69
CA SER A 158 24.90 -2.89 18.21
CA SER A 158 24.87 -2.91 18.17
C SER A 158 26.26 -2.54 17.61
C SER A 158 26.24 -2.56 17.59
N GLU A 159 26.30 -1.52 16.75
CA GLU A 159 27.53 -1.12 16.06
C GLU A 159 27.99 0.33 16.33
N ASP A 160 27.10 1.26 16.70
N ASP A 160 27.08 1.24 16.63
CA ASP A 160 27.42 2.71 16.76
CA ASP A 160 27.41 2.67 16.77
C ASP A 160 27.78 3.27 18.16
C ASP A 160 27.51 3.12 18.24
N MET A 161 28.34 2.44 19.02
CA MET A 161 28.46 2.77 20.43
C MET A 161 29.18 4.11 20.59
N ASP A 162 28.75 4.88 21.58
CA ASP A 162 29.32 6.21 21.84
C ASP A 162 29.75 6.46 23.26
N HIS A 163 29.59 5.49 24.15
CA HIS A 163 29.75 5.75 25.58
C HIS A 163 30.37 4.56 26.31
N GLY A 164 31.48 4.82 26.98
CA GLY A 164 32.18 3.79 27.75
C GLY A 164 31.67 3.73 29.15
N VAL A 165 31.39 2.51 29.62
CA VAL A 165 30.82 2.24 30.93
C VAL A 165 31.45 0.94 31.46
N LEU A 166 30.94 0.45 32.60
CA LEU A 166 31.55 -0.68 33.29
C LEU A 166 30.49 -1.71 33.66
N VAL A 167 30.69 -2.95 33.24
CA VAL A 167 29.76 -4.01 33.63
C VAL A 167 30.30 -4.59 34.93
N VAL A 168 29.49 -4.51 35.99
CA VAL A 168 29.89 -5.02 37.29
C VAL A 168 29.12 -6.28 37.69
N GLY A 169 28.26 -6.80 36.82
CA GLY A 169 27.52 -8.00 37.14
C GLY A 169 26.39 -8.21 36.15
N TYR A 170 25.49 -9.13 36.49
CA TYR A 170 24.37 -9.46 35.65
C TYR A 170 23.43 -10.29 36.50
N GLY A 171 22.21 -10.46 36.01
CA GLY A 171 21.26 -11.27 36.72
C GLY A 171 19.94 -11.29 36.01
N PHE A 172 18.87 -11.54 36.75
CA PHE A 172 17.52 -11.61 36.20
C PHE A 172 16.52 -11.04 37.20
N GLU A 173 15.38 -10.60 36.70
CA GLU A 173 14.25 -10.21 37.51
C GLU A 173 13.05 -11.03 37.14
N SER A 174 12.03 -11.06 38.00
N SER A 174 12.08 -11.09 38.05
CA SER A 174 10.80 -11.84 37.74
CA SER A 174 10.85 -11.84 37.86
C SER A 174 11.11 -13.34 37.81
C SER A 174 11.14 -13.34 37.73
N THR A 175 10.14 -14.12 37.34
CA THR A 175 10.30 -15.54 37.21
C THR A 175 11.45 -15.86 36.24
N GLU A 176 12.35 -16.74 36.67
CA GLU A 176 13.54 -17.06 35.88
C GLU A 176 13.22 -17.52 34.47
N SER A 177 12.16 -18.30 34.30
CA SER A 177 11.83 -18.84 32.99
C SER A 177 11.35 -17.78 32.00
N ASP A 178 11.02 -16.58 32.48
CA ASP A 178 10.67 -15.48 31.59
C ASP A 178 11.87 -14.83 30.91
N ASN A 179 13.09 -15.22 31.27
CA ASN A 179 14.29 -14.73 30.60
C ASN A 179 14.42 -13.20 30.64
N ASN A 180 14.06 -12.64 31.78
CA ASN A 180 14.05 -11.22 31.97
C ASN A 180 15.42 -10.85 32.56
N LYS A 181 16.44 -10.82 31.69
CA LYS A 181 17.83 -10.77 32.10
C LYS A 181 18.44 -9.40 31.86
N TYR A 182 19.45 -9.06 32.67
CA TYR A 182 20.13 -7.79 32.55
C TYR A 182 21.60 -7.91 32.86
N TRP A 183 22.32 -6.92 32.32
CA TRP A 183 23.66 -6.55 32.72
C TRP A 183 23.57 -5.42 33.73
N LEU A 184 24.39 -5.48 34.76
CA LEU A 184 24.46 -4.41 35.76
C LEU A 184 25.63 -3.51 35.42
N VAL A 185 25.30 -2.26 35.08
CA VAL A 185 26.25 -1.33 34.48
C VAL A 185 26.42 -0.09 35.35
N LYS A 186 27.68 0.22 35.69
CA LYS A 186 28.05 1.44 36.38
C LYS A 186 28.30 2.52 35.35
N ASN A 187 27.60 3.63 35.47
CA ASN A 187 27.84 4.81 34.62
C ASN A 187 28.69 5.84 35.39
N SER A 188 29.06 6.94 34.73
CA SER A 188 29.89 7.99 35.30
C SER A 188 29.20 9.34 35.17
N TRP A 189 27.89 9.35 35.42
CA TRP A 189 27.08 10.54 35.35
C TRP A 189 26.53 10.95 36.74
N GLY A 190 27.20 10.49 37.80
CA GLY A 190 26.78 10.75 39.15
C GLY A 190 25.66 9.83 39.62
N GLU A 191 25.41 9.87 40.92
CA GLU A 191 24.43 8.97 41.51
C GLU A 191 22.99 9.40 41.30
N GLU A 192 22.80 10.64 40.86
CA GLU A 192 21.46 11.19 40.60
C GLU A 192 20.85 10.71 39.26
N TRP A 193 21.70 10.21 38.38
CA TRP A 193 21.25 9.57 37.15
C TRP A 193 20.90 8.12 37.43
N GLY A 194 19.87 7.61 36.77
CA GLY A 194 19.61 6.21 36.83
C GLY A 194 19.27 5.71 38.21
N MET A 195 19.68 4.48 38.50
N MET A 195 19.68 4.47 38.48
CA MET A 195 19.42 3.88 39.77
CA MET A 195 19.44 3.78 39.74
C MET A 195 20.69 4.01 40.60
C MET A 195 20.69 3.97 40.61
N GLY A 196 20.79 5.11 41.30
CA GLY A 196 22.02 5.45 42.03
C GLY A 196 23.25 5.49 41.13
N GLY A 197 23.08 5.82 39.85
CA GLY A 197 24.19 5.91 38.92
C GLY A 197 24.45 4.68 38.10
N TYR A 198 23.65 3.64 38.37
CA TYR A 198 23.66 2.34 37.68
C TYR A 198 22.48 2.21 36.75
N VAL A 199 22.64 1.31 35.76
CA VAL A 199 21.55 0.94 34.85
C VAL A 199 21.61 -0.57 34.65
N LYS A 200 20.42 -1.18 34.62
CA LYS A 200 20.27 -2.57 34.22
C LYS A 200 19.98 -2.56 32.72
N MET A 201 20.83 -3.21 31.92
N MET A 201 20.89 -3.12 31.92
CA MET A 201 20.70 -3.17 30.48
CA MET A 201 20.82 -3.15 30.46
C MET A 201 20.38 -4.53 29.91
C MET A 201 20.31 -4.50 29.99
N ALA A 202 19.48 -4.52 28.94
CA ALA A 202 18.97 -5.75 28.36
C ALA A 202 20.07 -6.75 28.04
N LYS A 203 19.92 -7.99 28.51
CA LYS A 203 20.89 -9.03 28.27
C LYS A 203 20.27 -10.19 27.47
N ASP A 204 21.10 -10.75 26.61
CA ASP A 204 20.75 -11.90 25.79
C ASP A 204 19.62 -11.60 24.81
N ARG A 205 19.68 -10.39 24.26
CA ARG A 205 18.85 -9.93 23.16
C ARG A 205 19.72 -9.54 21.97
N ARG A 206 20.63 -10.43 21.60
CA ARG A 206 21.50 -10.24 20.43
C ARG A 206 22.28 -8.94 20.52
N ASN A 207 22.96 -8.75 21.65
CA ASN A 207 23.92 -7.66 21.81
C ASN A 207 23.25 -6.29 21.76
N HIS A 208 22.21 -6.15 22.56
CA HIS A 208 21.44 -4.92 22.60
C HIS A 208 22.36 -3.75 23.00
N CYS A 209 22.24 -2.67 22.24
CA CYS A 209 23.04 -1.46 22.43
C CYS A 209 24.55 -1.66 22.30
N GLY A 210 24.98 -2.79 21.77
CA GLY A 210 26.36 -3.02 21.49
C GLY A 210 27.23 -3.32 22.70
N ILE A 211 26.63 -3.75 23.78
CA ILE A 211 27.36 -3.93 25.01
C ILE A 211 28.50 -4.95 24.92
N ALA A 212 28.38 -5.93 24.02
CA ALA A 212 29.43 -6.90 23.81
C ALA A 212 30.35 -6.60 22.63
N SER A 213 30.17 -5.47 21.97
CA SER A 213 30.92 -5.16 20.76
C SER A 213 32.34 -4.63 20.99
N ALA A 214 32.60 -4.06 22.16
CA ALA A 214 33.91 -3.46 22.46
C ALA A 214 34.22 -3.62 23.94
N ALA A 215 34.23 -4.86 24.39
CA ALA A 215 34.43 -5.20 25.77
C ALA A 215 35.87 -5.65 25.99
N SER A 216 36.47 -5.18 27.08
CA SER A 216 37.86 -5.49 27.39
C SER A 216 38.19 -5.28 28.85
N TYR A 217 39.36 -5.79 29.26
CA TYR A 217 39.83 -5.60 30.61
C TYR A 217 41.34 -5.58 30.61
N PRO A 218 41.94 -4.93 31.63
CA PRO A 218 43.39 -4.92 31.72
C PRO A 218 43.95 -6.17 32.36
N THR A 219 45.14 -6.55 31.92
CA THR A 219 45.88 -7.64 32.47
C THR A 219 46.79 -7.11 33.55
N VAL A 220 46.64 -7.62 34.78
CA VAL A 220 47.47 -7.14 35.88
C VAL A 220 48.41 -8.22 36.41
N ALA B 1 17.34 10.07 8.11
CA ALA B 1 17.21 8.85 7.23
C ALA B 1 17.25 9.28 5.76
N PRO B 2 17.60 8.34 4.85
CA PRO B 2 17.56 8.68 3.42
C PRO B 2 16.16 9.09 2.97
N ARG B 3 16.06 9.75 1.82
CA ARG B 3 14.77 10.20 1.29
C ARG B 3 13.99 9.06 0.70
N SER B 4 14.70 8.01 0.29
CA SER B 4 14.01 6.79 -0.11
C SER B 4 14.81 5.56 0.22
N VAL B 5 14.10 4.45 0.38
CA VAL B 5 14.67 3.14 0.69
C VAL B 5 13.95 2.06 -0.08
N ASP B 6 14.69 1.10 -0.58
CA ASP B 6 14.10 -0.06 -1.21
C ASP B 6 14.96 -1.30 -0.94
N TRP B 7 14.58 -2.09 0.06
CA TRP B 7 15.37 -3.23 0.47
C TRP B 7 15.42 -4.34 -0.57
N ARG B 8 14.51 -4.32 -1.55
CA ARG B 8 14.56 -5.35 -2.59
C ARG B 8 15.88 -5.27 -3.36
N GLU B 9 16.38 -4.05 -3.59
N GLU B 9 16.36 -4.04 -3.55
CA GLU B 9 17.61 -3.88 -4.36
CA GLU B 9 17.60 -3.75 -4.28
C GLU B 9 18.87 -4.23 -3.56
C GLU B 9 18.82 -4.34 -3.59
N LYS B 10 18.71 -4.52 -2.27
CA LYS B 10 19.83 -4.93 -1.42
C LYS B 10 19.82 -6.43 -1.12
N GLY B 11 18.88 -7.19 -1.66
CA GLY B 11 18.87 -8.62 -1.50
C GLY B 11 18.12 -9.16 -0.29
N TYR B 12 17.33 -8.30 0.35
CA TYR B 12 16.63 -8.66 1.61
C TYR B 12 15.26 -9.31 1.45
N VAL B 13 14.73 -9.34 0.22
CA VAL B 13 13.31 -9.64 0.02
C VAL B 13 13.12 -10.75 -1.00
N THR B 14 12.36 -11.79 -0.62
CA THR B 14 11.99 -12.88 -1.51
C THR B 14 10.90 -12.42 -2.48
N PRO B 15 10.65 -13.19 -3.54
CA PRO B 15 9.51 -12.86 -4.38
C PRO B 15 8.17 -12.86 -3.63
N VAL B 16 7.18 -12.22 -4.24
CA VAL B 16 5.84 -12.19 -3.70
C VAL B 16 5.23 -13.60 -3.66
N LYS B 17 4.62 -13.89 -2.52
CA LYS B 17 3.96 -15.17 -2.27
C LYS B 17 2.44 -14.99 -2.27
N ASN B 18 1.73 -16.09 -2.13
CA ASN B 18 0.28 -16.06 -2.17
C ASN B 18 -0.29 -16.95 -1.05
N GLN B 19 -0.96 -16.32 -0.09
CA GLN B 19 -1.51 -17.05 1.06
C GLN B 19 -2.74 -17.89 0.72
N GLY B 20 -3.29 -17.67 -0.45
CA GLY B 20 -4.47 -18.41 -0.84
C GLY B 20 -5.66 -18.12 0.03
N GLN B 21 -6.53 -19.11 0.19
CA GLN B 21 -7.76 -18.95 0.96
C GLN B 21 -7.54 -19.46 2.38
N CYS B 22 -6.68 -18.76 3.08
CA CYS B 22 -6.26 -19.07 4.45
C CYS B 22 -5.91 -17.72 5.07
N GLY B 23 -6.40 -17.46 6.29
CA GLY B 23 -6.12 -16.18 6.97
C GLY B 23 -4.75 -16.13 7.62
N SER B 24 -3.73 -16.35 6.80
CA SER B 24 -2.35 -16.53 7.24
C SER B 24 -1.47 -15.34 6.89
N CYS B 25 -2.07 -14.19 6.62
CA CYS B 25 -1.27 -13.01 6.31
C CYS B 25 -0.16 -12.76 7.33
N TRP B 26 -0.48 -12.96 8.60
CA TRP B 26 0.44 -12.76 9.72
C TRP B 26 1.69 -13.61 9.57
N ALA B 27 1.54 -14.81 9.02
CA ALA B 27 2.67 -15.69 8.82
C ALA B 27 3.56 -15.21 7.69
N PHE B 28 2.97 -14.70 6.62
CA PHE B 28 3.74 -14.13 5.49
C PHE B 28 4.45 -12.85 5.91
N SER B 29 3.77 -12.01 6.67
CA SER B 29 4.42 -10.81 7.19
C SER B 29 5.62 -11.18 8.06
N ALA B 30 5.45 -12.17 8.92
CA ALA B 30 6.52 -12.60 9.82
C ALA B 30 7.68 -13.22 9.10
N THR B 31 7.42 -14.11 8.14
CA THR B 31 8.51 -14.70 7.38
C THR B 31 9.23 -13.60 6.59
N GLY B 32 8.48 -12.64 6.06
CA GLY B 32 9.16 -11.57 5.32
C GLY B 32 10.13 -10.80 6.21
N ALA B 33 9.71 -10.46 7.44
CA ALA B 33 10.61 -9.71 8.33
C ALA B 33 11.78 -10.57 8.74
N LEU B 34 11.56 -11.84 9.02
CA LEU B 34 12.65 -12.71 9.44
C LEU B 34 13.59 -13.05 8.26
N GLU B 35 13.08 -13.19 7.05
CA GLU B 35 13.91 -13.28 5.85
C GLU B 35 14.90 -12.11 5.76
N GLY B 36 14.40 -10.91 5.99
CA GLY B 36 15.24 -9.74 5.89
C GLY B 36 16.30 -9.75 6.99
N GLN B 37 15.93 -10.04 8.23
CA GLN B 37 16.90 -9.99 9.31
C GLN B 37 17.90 -11.13 9.24
N MET B 38 17.49 -12.29 8.78
CA MET B 38 18.43 -13.37 8.52
C MET B 38 19.43 -12.98 7.43
N PHE B 39 18.96 -12.32 6.39
CA PHE B 39 19.86 -11.88 5.35
C PHE B 39 20.88 -10.87 5.89
N ARG B 40 20.42 -9.91 6.71
CA ARG B 40 21.32 -8.91 7.34
C ARG B 40 22.40 -9.64 8.15
N LYS B 41 22.02 -10.72 8.85
CA LYS B 41 22.94 -11.46 9.70
C LYS B 41 23.91 -12.35 8.94
N THR B 42 23.42 -13.06 7.92
CA THR B 42 24.18 -14.15 7.29
C THR B 42 24.62 -13.89 5.86
N GLY B 43 24.04 -12.89 5.22
CA GLY B 43 24.24 -12.68 3.79
C GLY B 43 23.51 -13.62 2.87
N ARG B 44 22.64 -14.47 3.42
CA ARG B 44 21.88 -15.42 2.61
C ARG B 44 20.39 -15.18 2.74
N LEU B 45 19.73 -15.05 1.58
CA LEU B 45 18.29 -14.90 1.52
C LEU B 45 17.72 -16.30 1.33
N ILE B 46 16.95 -16.78 2.32
CA ILE B 46 16.34 -18.11 2.26
C ILE B 46 14.85 -17.96 2.58
N SER B 47 14.00 -18.36 1.65
CA SER B 47 12.57 -18.30 1.85
C SER B 47 12.15 -19.23 2.99
N LEU B 48 11.34 -18.70 3.91
CA LEU B 48 10.98 -19.37 5.14
C LEU B 48 9.55 -19.92 5.07
N SER B 49 9.27 -20.92 5.91
CA SER B 49 8.00 -21.66 5.86
C SER B 49 6.88 -21.01 6.67
N GLU B 50 5.91 -20.44 5.96
CA GLU B 50 4.68 -19.99 6.57
C GLU B 50 3.87 -21.17 7.15
N GLN B 51 3.91 -22.31 6.48
CA GLN B 51 3.18 -23.47 6.97
C GLN B 51 3.64 -23.91 8.34
N ASN B 52 4.96 -23.83 8.56
CA ASN B 52 5.52 -24.11 9.87
C ASN B 52 4.89 -23.22 10.93
N LEU B 53 4.76 -21.94 10.62
CA LEU B 53 4.08 -21.06 11.57
C LEU B 53 2.59 -21.40 11.77
N VAL B 54 1.89 -21.64 10.68
CA VAL B 54 0.47 -21.95 10.74
C VAL B 54 0.22 -23.20 11.58
N ASP B 55 1.02 -24.24 11.38
CA ASP B 55 0.78 -25.53 12.04
C ASP B 55 1.28 -25.55 13.48
N CYS B 56 2.29 -24.74 13.81
N CYS B 56 2.29 -24.74 13.81
CA CYS B 56 3.08 -24.97 15.03
CA CYS B 56 3.08 -24.95 15.02
C CYS B 56 3.04 -23.86 16.08
C CYS B 56 3.06 -23.85 16.08
N SER B 57 2.59 -22.66 15.72
CA SER B 57 2.69 -21.51 16.66
C SER B 57 1.42 -21.23 17.44
N GLY B 58 0.52 -22.21 17.51
CA GLY B 58 -0.62 -22.13 18.40
C GLY B 58 -0.28 -21.87 19.86
N PRO B 59 0.78 -22.53 20.39
CA PRO B 59 1.11 -22.31 21.80
C PRO B 59 1.49 -20.86 22.12
N GLN B 60 1.91 -20.09 21.13
CA GLN B 60 2.26 -18.70 21.32
C GLN B 60 1.06 -17.77 21.16
N GLY B 61 -0.07 -18.33 20.72
CA GLY B 61 -1.32 -17.61 20.62
C GLY B 61 -1.89 -17.51 19.22
N ASN B 62 -1.21 -18.04 18.21
CA ASN B 62 -1.73 -17.92 16.85
C ASN B 62 -2.84 -18.94 16.60
N GLU B 63 -3.65 -18.65 15.61
CA GLU B 63 -4.85 -19.44 15.31
C GLU B 63 -4.91 -19.88 13.84
N GLY B 64 -3.74 -20.17 13.28
CA GLY B 64 -3.64 -20.76 11.95
C GLY B 64 -4.30 -19.93 10.87
N CYS B 65 -5.18 -20.56 10.10
CA CYS B 65 -5.89 -19.87 9.04
C CYS B 65 -7.02 -18.99 9.57
N ASN B 66 -7.22 -18.98 10.88
CA ASN B 66 -8.21 -18.09 11.49
C ASN B 66 -7.57 -16.79 12.00
N GLY B 67 -6.28 -16.61 11.77
CA GLY B 67 -5.61 -15.35 12.10
C GLY B 67 -4.51 -15.53 13.11
N GLY B 68 -3.75 -14.47 13.29
CA GLY B 68 -2.59 -14.53 14.13
C GLY B 68 -1.88 -13.18 14.18
N LEU B 69 -0.75 -13.15 14.90
CA LEU B 69 0.02 -11.94 15.11
C LEU B 69 1.46 -12.22 14.78
N MET B 70 2.12 -11.28 14.12
CA MET B 70 3.52 -11.44 13.77
C MET B 70 4.39 -11.65 15.01
N ASP B 71 4.13 -10.92 16.09
CA ASP B 71 4.96 -11.08 17.27
C ASP B 71 4.86 -12.47 17.86
N TYR B 72 3.68 -13.09 17.77
CA TYR B 72 3.54 -14.46 18.24
C TYR B 72 4.36 -15.40 17.38
N ALA B 73 4.43 -15.15 16.08
CA ALA B 73 5.32 -15.92 15.21
C ALA B 73 6.78 -15.76 15.60
N PHE B 74 7.22 -14.52 15.88
CA PHE B 74 8.59 -14.32 16.29
C PHE B 74 8.88 -15.01 17.61
N GLN B 75 7.90 -14.99 18.51
CA GLN B 75 8.06 -15.70 19.78
C GLN B 75 8.17 -17.22 19.58
N TYR B 76 7.38 -17.76 18.66
CA TYR B 76 7.50 -19.18 18.33
C TYR B 76 8.90 -19.53 17.89
N VAL B 77 9.49 -18.72 17.01
CA VAL B 77 10.80 -19.06 16.49
C VAL B 77 11.80 -19.10 17.64
N GLN B 78 11.73 -18.13 18.55
CA GLN B 78 12.60 -18.14 19.71
C GLN B 78 12.38 -19.38 20.59
N ASP B 79 11.13 -19.63 20.96
CA ASP B 79 10.79 -20.76 21.88
C ASP B 79 11.22 -22.09 21.25
N ASN B 80 11.02 -22.20 19.96
CA ASN B 80 11.22 -23.47 19.23
C ASN B 80 12.68 -23.69 18.88
N GLY B 81 13.49 -22.63 18.88
CA GLY B 81 14.91 -22.72 18.50
C GLY B 81 15.15 -22.75 17.00
N GLY B 82 14.13 -22.45 16.18
CA GLY B 82 14.32 -22.48 14.75
C GLY B 82 13.03 -22.38 13.97
N LEU B 83 13.18 -22.33 12.65
CA LEU B 83 12.09 -22.26 11.69
C LEU B 83 12.58 -22.89 10.42
N ASP B 84 11.78 -23.80 9.86
CA ASP B 84 12.16 -24.47 8.63
C ASP B 84 12.07 -23.59 7.39
N SER B 85 12.86 -23.94 6.38
CA SER B 85 12.79 -23.32 5.07
C SER B 85 11.46 -23.63 4.37
N GLU B 86 11.05 -22.72 3.50
CA GLU B 86 9.91 -22.92 2.61
C GLU B 86 10.06 -24.21 1.80
N GLU B 87 11.28 -24.48 1.32
N GLU B 87 11.27 -24.45 1.31
CA GLU B 87 11.48 -25.65 0.47
CA GLU B 87 11.57 -25.62 0.50
C GLU B 87 11.26 -26.92 1.26
C GLU B 87 11.27 -26.89 1.26
N SER B 88 11.68 -26.93 2.53
CA SER B 88 11.57 -28.13 3.35
C SER B 88 10.17 -28.36 3.91
N TYR B 89 9.36 -27.32 3.99
CA TYR B 89 8.09 -27.35 4.68
C TYR B 89 7.11 -26.47 3.91
N PRO B 90 6.71 -26.96 2.72
CA PRO B 90 5.94 -26.14 1.81
C PRO B 90 4.55 -25.72 2.26
N TYR B 91 4.05 -24.68 1.62
CA TYR B 91 2.78 -24.05 1.97
C TYR B 91 1.60 -24.82 1.40
N GLU B 92 0.62 -25.09 2.27
CA GLU B 92 -0.57 -25.85 1.91
C GLU B 92 -1.88 -25.06 2.00
N ALA B 93 -1.86 -23.88 2.61
CA ALA B 93 -3.02 -23.01 2.73
C ALA B 93 -4.16 -23.65 3.54
N THR B 94 -3.79 -24.52 4.46
CA THR B 94 -4.74 -25.10 5.39
C THR B 94 -3.96 -25.56 6.59
N GLU B 95 -4.59 -25.57 7.75
CA GLU B 95 -3.87 -25.90 8.98
C GLU B 95 -3.78 -27.41 9.13
N GLU B 96 -2.61 -27.87 9.51
CA GLU B 96 -2.33 -29.28 9.73
C GLU B 96 -1.51 -29.43 11.02
N SER B 97 -1.29 -30.67 11.43
CA SER B 97 -0.41 -30.94 12.55
C SER B 97 1.02 -30.47 12.23
N CYS B 98 1.74 -30.10 13.27
N CYS B 98 1.73 -30.08 13.28
CA CYS B 98 3.09 -29.58 13.16
CA CYS B 98 3.14 -29.69 13.25
C CYS B 98 4.09 -30.66 12.74
C CYS B 98 4.03 -30.76 12.65
N LYS B 99 4.86 -30.33 11.69
CA LYS B 99 5.86 -31.20 11.09
C LYS B 99 7.26 -30.58 11.15
N TYR B 100 7.49 -29.69 12.11
CA TYR B 100 8.79 -29.05 12.25
C TYR B 100 9.88 -30.11 12.39
N ASN B 101 10.95 -29.90 11.66
CA ASN B 101 12.12 -30.75 11.68
C ASN B 101 13.35 -29.87 11.91
N PRO B 102 14.01 -29.99 13.07
CA PRO B 102 15.14 -29.10 13.33
C PRO B 102 16.32 -29.26 12.35
N LYS B 103 16.42 -30.39 11.68
CA LYS B 103 17.48 -30.55 10.68
C LYS B 103 17.39 -29.50 9.57
N TYR B 104 16.18 -29.05 9.29
CA TYR B 104 15.94 -28.12 8.19
C TYR B 104 15.70 -26.70 8.63
N SER B 105 16.00 -26.42 9.90
CA SER B 105 15.90 -25.06 10.40
C SER B 105 16.97 -24.20 9.74
N VAL B 106 16.55 -23.04 9.26
CA VAL B 106 17.44 -22.08 8.63
C VAL B 106 17.37 -20.66 9.21
N ALA B 107 16.54 -20.47 10.23
CA ALA B 107 16.38 -19.17 10.86
C ALA B 107 16.13 -19.31 12.35
N ASN B 108 16.46 -18.24 13.08
CA ASN B 108 16.24 -18.18 14.51
C ASN B 108 16.09 -16.72 14.89
N ASP B 109 15.58 -16.49 16.09
CA ASP B 109 15.56 -15.15 16.62
C ASP B 109 15.63 -15.20 18.14
N ALA B 110 15.85 -14.04 18.75
CA ALA B 110 15.89 -13.92 20.21
C ALA B 110 14.85 -12.87 20.61
N GLY B 111 13.63 -13.03 20.10
CA GLY B 111 12.53 -12.18 20.47
C GLY B 111 12.20 -11.19 19.37
N PHE B 112 11.61 -10.06 19.76
CA PHE B 112 11.12 -9.10 18.79
C PHE B 112 11.08 -7.69 19.38
N VAL B 113 10.91 -6.72 18.49
CA VAL B 113 10.89 -5.32 18.84
C VAL B 113 9.58 -4.75 18.33
N ASP B 114 8.82 -4.10 19.20
CA ASP B 114 7.62 -3.36 18.81
C ASP B 114 8.02 -1.88 18.71
N ILE B 115 7.89 -1.33 17.51
CA ILE B 115 8.26 0.06 17.26
C ILE B 115 7.14 0.97 17.79
N PRO B 116 7.49 2.12 18.41
CA PRO B 116 6.43 3.01 18.88
C PRO B 116 5.57 3.52 17.74
N LYS B 117 4.34 3.91 18.07
CA LYS B 117 3.33 4.30 17.08
C LYS B 117 3.60 5.73 16.60
N GLN B 118 4.61 5.87 15.76
CA GLN B 118 4.97 7.12 15.11
C GLN B 118 5.53 6.76 13.75
N GLU B 119 5.02 7.39 12.70
CA GLU B 119 5.59 7.16 11.37
C GLU B 119 7.06 7.61 11.28
N LYS B 120 7.50 8.59 12.06
CA LYS B 120 8.93 8.95 12.07
C LYS B 120 9.76 7.77 12.58
N ALA B 121 9.27 7.08 13.61
CA ALA B 121 9.97 5.93 14.16
C ALA B 121 9.93 4.73 13.19
N LEU B 122 8.81 4.56 12.49
CA LEU B 122 8.74 3.50 11.47
C LEU B 122 9.75 3.81 10.35
N MET B 123 9.82 5.06 9.93
CA MET B 123 10.80 5.42 8.89
C MET B 123 12.23 5.10 9.31
N LYS B 124 12.58 5.47 10.53
CA LYS B 124 13.93 5.21 11.03
C LYS B 124 14.20 3.72 11.06
N ALA B 125 13.22 2.93 11.48
CA ALA B 125 13.36 1.48 11.54
C ALA B 125 13.54 0.90 10.13
N VAL B 126 12.70 1.32 9.19
CA VAL B 126 12.84 0.83 7.84
C VAL B 126 14.24 1.19 7.31
N ALA B 127 14.72 2.40 7.57
CA ALA B 127 16.02 2.83 7.03
C ALA B 127 17.18 2.09 7.66
N THR B 128 17.05 1.70 8.93
CA THR B 128 18.18 1.17 9.67
C THR B 128 18.18 -0.33 9.91
N VAL B 129 17.01 -0.93 9.96
CA VAL B 129 16.86 -2.34 10.30
C VAL B 129 16.71 -3.23 9.06
N GLY B 130 15.80 -2.85 8.16
CA GLY B 130 15.36 -3.74 7.10
C GLY B 130 13.86 -3.73 6.97
N PRO B 131 13.30 -4.70 6.22
CA PRO B 131 11.87 -4.81 6.11
C PRO B 131 11.19 -5.01 7.47
N ILE B 132 10.04 -4.36 7.65
CA ILE B 132 9.34 -4.31 8.92
C ILE B 132 7.92 -4.88 8.77
N SER B 133 7.52 -5.79 9.66
CA SER B 133 6.15 -6.28 9.71
C SER B 133 5.21 -5.18 10.21
N VAL B 134 4.09 -4.98 9.53
CA VAL B 134 3.10 -4.02 9.94
C VAL B 134 1.70 -4.59 9.73
N ALA B 135 0.74 -4.03 10.44
CA ALA B 135 -0.66 -4.31 10.19
C ALA B 135 -1.34 -3.06 9.66
N ILE B 136 -2.27 -3.28 8.74
CA ILE B 136 -3.03 -2.19 8.14
C ILE B 136 -4.52 -2.53 8.12
N ASP B 137 -5.31 -1.48 8.04
CA ASP B 137 -6.75 -1.61 7.72
C ASP B 137 -6.88 -1.84 6.23
N ALA B 138 -7.00 -3.09 5.85
CA ALA B 138 -7.21 -3.48 4.45
C ALA B 138 -8.67 -3.83 4.17
N GLY B 139 -9.58 -3.46 5.06
CA GLY B 139 -10.95 -3.90 5.01
C GLY B 139 -11.86 -3.02 4.17
N HIS B 140 -11.35 -2.55 3.04
CA HIS B 140 -12.11 -1.75 2.09
C HIS B 140 -11.91 -2.30 0.71
N GLU B 141 -12.98 -2.26 -0.07
N GLU B 141 -12.95 -2.31 -0.09
CA GLU B 141 -12.94 -2.67 -1.48
CA GLU B 141 -12.80 -2.86 -1.44
C GLU B 141 -11.77 -2.07 -2.23
C GLU B 141 -11.81 -2.06 -2.31
N SER B 142 -11.52 -0.80 -1.96
CA SER B 142 -10.45 -0.06 -2.66
C SER B 142 -9.10 -0.77 -2.54
N PHE B 143 -8.84 -1.41 -1.39
CA PHE B 143 -7.59 -2.13 -1.21
C PHE B 143 -7.63 -3.44 -2.02
N LEU B 144 -8.76 -4.13 -1.94
N LEU B 144 -8.75 -4.17 -1.95
CA LEU B 144 -8.96 -5.35 -2.69
CA LEU B 144 -8.88 -5.39 -2.73
C LEU B 144 -8.74 -5.15 -4.19
C LEU B 144 -8.67 -5.14 -4.23
N PHE B 145 -9.21 -4.02 -4.70
CA PHE B 145 -9.17 -3.71 -6.13
C PHE B 145 -7.97 -2.89 -6.55
N TYR B 146 -7.05 -2.64 -5.62
CA TYR B 146 -5.90 -1.79 -5.90
C TYR B 146 -5.07 -2.34 -7.06
N LYS B 147 -4.71 -1.45 -7.98
CA LYS B 147 -3.89 -1.82 -9.14
C LYS B 147 -2.55 -1.11 -9.19
N GLU B 148 -2.57 0.21 -9.03
CA GLU B 148 -1.39 1.08 -9.16
C GLU B 148 -1.60 2.40 -8.41
N GLY B 149 -0.51 3.11 -8.16
CA GLY B 149 -0.59 4.45 -7.57
C GLY B 149 -0.43 4.46 -6.04
N ILE B 150 -0.60 5.62 -5.44
CA ILE B 150 -0.48 5.78 -3.99
C ILE B 150 -1.84 5.60 -3.34
N TYR B 151 -1.96 4.52 -2.57
CA TYR B 151 -3.20 4.15 -1.92
C TYR B 151 -3.54 5.11 -0.78
N PHE B 152 -4.71 5.74 -0.88
CA PHE B 152 -5.29 6.53 0.19
C PHE B 152 -6.79 6.27 0.18
N GLU B 153 -7.31 5.83 1.32
CA GLU B 153 -8.71 5.48 1.46
C GLU B 153 -9.29 6.36 2.56
N PRO B 154 -10.17 7.31 2.22
CA PRO B 154 -10.73 8.20 3.24
C PRO B 154 -11.34 7.54 4.45
N ASP B 155 -11.90 6.34 4.28
CA ASP B 155 -12.54 5.60 5.36
C ASP B 155 -11.61 4.71 6.16
N CYS B 156 -10.31 4.75 5.86
CA CYS B 156 -9.35 3.93 6.60
C CYS B 156 -9.26 4.31 8.07
N SER B 157 -9.06 3.30 8.91
CA SER B 157 -8.84 3.48 10.32
C SER B 157 -7.35 3.45 10.63
N SER B 158 -6.90 4.36 11.51
N SER B 158 -6.90 4.34 11.51
CA SER B 158 -5.51 4.35 11.97
CA SER B 158 -5.51 4.35 11.99
C SER B 158 -5.36 3.55 13.27
C SER B 158 -5.35 3.48 13.23
N GLU B 159 -6.45 2.94 13.74
CA GLU B 159 -6.45 2.20 15.00
C GLU B 159 -6.87 0.73 14.89
N ASP B 160 -7.74 0.44 13.93
CA ASP B 160 -8.36 -0.86 13.79
C ASP B 160 -7.87 -1.50 12.48
N MET B 161 -6.86 -2.36 12.60
CA MET B 161 -6.23 -3.03 11.47
C MET B 161 -6.59 -4.50 11.42
N ASP B 162 -6.52 -5.10 10.22
CA ASP B 162 -6.98 -6.46 10.02
C ASP B 162 -6.06 -7.33 9.17
N HIS B 163 -4.93 -6.77 8.72
CA HIS B 163 -4.12 -7.47 7.68
C HIS B 163 -2.64 -7.17 7.87
N GLY B 164 -1.85 -8.24 8.01
CA GLY B 164 -0.41 -8.16 8.17
C GLY B 164 0.29 -8.16 6.83
N VAL B 165 1.23 -7.21 6.68
CA VAL B 165 2.00 -7.02 5.45
C VAL B 165 3.42 -6.63 5.83
N LEU B 166 4.24 -6.27 4.85
CA LEU B 166 5.66 -6.03 5.07
C LEU B 166 6.07 -4.74 4.40
N VAL B 167 6.62 -3.79 5.17
CA VAL B 167 7.16 -2.57 4.58
C VAL B 167 8.59 -2.85 4.15
N VAL B 168 8.88 -2.70 2.86
CA VAL B 168 10.21 -2.94 2.35
C VAL B 168 10.94 -1.66 1.93
N GLY B 169 10.32 -0.51 2.11
CA GLY B 169 10.95 0.75 1.75
C GLY B 169 9.95 1.88 1.82
N TYR B 170 10.37 3.03 1.29
CA TYR B 170 9.53 4.19 1.21
C TYR B 170 10.11 5.13 0.17
N GLY B 171 9.30 6.06 -0.28
CA GLY B 171 9.73 6.98 -1.32
C GLY B 171 8.84 8.19 -1.40
N PHE B 172 9.03 8.94 -2.48
CA PHE B 172 8.39 10.24 -2.62
C PHE B 172 7.86 10.32 -4.04
N GLU B 173 6.65 10.84 -4.22
CA GLU B 173 6.09 11.03 -5.55
C GLU B 173 6.88 12.22 -6.04
N SER B 174 7.52 12.06 -7.19
CA SER B 174 8.93 12.45 -7.35
C SER B 174 9.38 13.79 -6.76
N THR B 175 9.98 14.65 -7.57
CA THR B 175 10.69 15.84 -7.08
C THR B 175 11.73 15.56 -5.96
N ASN B 180 3.34 13.77 -1.86
CA ASN B 180 2.71 12.45 -1.89
C ASN B 180 3.75 11.35 -1.61
N LYS B 181 4.13 11.23 -0.35
CA LYS B 181 5.09 10.23 0.04
C LYS B 181 4.41 8.88 0.21
N TYR B 182 5.17 7.79 0.14
CA TYR B 182 4.59 6.48 0.29
C TYR B 182 5.50 5.49 0.99
N TRP B 183 4.86 4.50 1.62
CA TRP B 183 5.47 3.27 2.08
C TRP B 183 5.37 2.23 0.97
N LEU B 184 6.45 1.52 0.71
CA LEU B 184 6.45 0.43 -0.26
C LEU B 184 6.16 -0.87 0.48
N VAL B 185 5.01 -1.49 0.20
CA VAL B 185 4.48 -2.56 0.99
C VAL B 185 4.34 -3.82 0.15
N LYS B 186 4.94 -4.91 0.63
CA LYS B 186 4.79 -6.23 0.01
C LYS B 186 3.57 -6.93 0.63
N ASN B 187 2.64 -7.34 -0.21
CA ASN B 187 1.47 -8.11 0.21
C ASN B 187 1.71 -9.60 -0.05
N SER B 188 0.74 -10.44 0.34
CA SER B 188 0.83 -11.88 0.15
C SER B 188 -0.41 -12.42 -0.57
N TRP B 189 -0.85 -11.70 -1.59
CA TRP B 189 -1.99 -12.09 -2.40
C TRP B 189 -1.55 -12.41 -3.83
N GLY B 190 -0.28 -12.76 -4.01
CA GLY B 190 0.27 -13.11 -5.31
C GLY B 190 0.66 -11.88 -6.11
N GLU B 191 1.37 -12.10 -7.20
CA GLU B 191 1.94 -10.98 -7.96
C GLU B 191 0.95 -10.33 -8.93
N GLU B 192 -0.20 -10.95 -9.13
CA GLU B 192 -1.23 -10.39 -10.01
C GLU B 192 -2.05 -9.30 -9.32
N TRP B 193 -2.10 -9.29 -7.98
CA TRP B 193 -2.74 -8.20 -7.23
C TRP B 193 -1.81 -6.99 -7.21
N GLY B 194 -2.37 -5.78 -7.30
CA GLY B 194 -1.58 -4.58 -7.15
C GLY B 194 -0.47 -4.48 -8.18
N MET B 195 0.63 -3.87 -7.77
CA MET B 195 1.77 -3.58 -8.62
C MET B 195 2.79 -4.69 -8.42
N GLY B 196 2.60 -5.78 -9.17
CA GLY B 196 3.39 -6.98 -8.96
C GLY B 196 3.29 -7.55 -7.53
N GLY B 197 2.16 -7.34 -6.88
CA GLY B 197 1.96 -7.84 -5.52
C GLY B 197 2.30 -6.83 -4.43
N TYR B 198 2.74 -5.62 -4.85
CA TYR B 198 3.08 -4.54 -3.96
C TYR B 198 2.02 -3.44 -4.02
N VAL B 199 2.03 -2.62 -2.97
CA VAL B 199 1.16 -1.44 -2.88
C VAL B 199 1.99 -0.29 -2.30
N LYS B 200 1.82 0.90 -2.88
CA LYS B 200 2.35 2.12 -2.35
C LYS B 200 1.30 2.75 -1.44
N MET B 201 1.54 2.77 -0.15
N MET B 201 1.53 2.70 -0.14
CA MET B 201 0.56 3.31 0.79
CA MET B 201 0.60 3.22 0.88
C MET B 201 0.96 4.66 1.32
C MET B 201 0.96 4.66 1.26
N ALA B 202 -0.02 5.54 1.42
CA ALA B 202 0.25 6.92 1.82
C ALA B 202 1.07 7.00 3.10
N LYS B 203 2.13 7.80 3.03
CA LYS B 203 3.09 8.01 4.13
C LYS B 203 3.03 9.44 4.63
N ASP B 204 3.12 9.58 5.95
CA ASP B 204 3.08 10.86 6.64
C ASP B 204 1.77 11.61 6.41
N ARG B 205 0.69 10.84 6.37
CA ARG B 205 -0.65 11.37 6.32
C ARG B 205 -1.45 10.85 7.51
N ARG B 206 -1.02 11.25 8.70
CA ARG B 206 -1.69 10.90 9.95
C ARG B 206 -1.82 9.40 10.12
N ASN B 207 -0.72 8.69 9.89
CA ASN B 207 -0.68 7.25 10.15
C ASN B 207 -1.80 6.53 9.40
N HIS B 208 -1.82 6.73 8.10
CA HIS B 208 -2.90 6.27 7.28
C HIS B 208 -3.03 4.74 7.30
N CYS B 209 -4.25 4.27 7.52
CA CYS B 209 -4.58 2.85 7.62
C CYS B 209 -3.86 2.13 8.76
N GLY B 210 -3.31 2.88 9.71
CA GLY B 210 -2.73 2.30 10.90
C GLY B 210 -1.37 1.67 10.71
N ILE B 211 -0.68 2.03 9.65
CA ILE B 211 0.54 1.36 9.26
C ILE B 211 1.64 1.41 10.34
N ALA B 212 1.64 2.44 11.16
CA ALA B 212 2.58 2.54 12.26
C ALA B 212 2.05 2.08 13.60
N SER B 213 0.83 1.54 13.65
CA SER B 213 0.20 1.21 14.91
C SER B 213 0.57 -0.17 15.48
N ALA B 214 1.10 -1.07 14.63
CA ALA B 214 1.49 -2.43 15.05
C ALA B 214 2.68 -2.90 14.22
N ALA B 215 3.73 -2.08 14.24
CA ALA B 215 4.96 -2.34 13.48
C ALA B 215 5.98 -3.06 14.36
N SER B 216 6.57 -4.15 13.85
CA SER B 216 7.55 -4.91 14.61
C SER B 216 8.49 -5.68 13.72
N TYR B 217 9.51 -6.23 14.34
CA TYR B 217 10.46 -7.06 13.65
C TYR B 217 11.17 -7.97 14.63
N PRO B 218 11.76 -9.07 14.15
CA PRO B 218 12.43 -10.00 15.05
C PRO B 218 13.84 -9.54 15.40
N THR B 219 14.24 -9.90 16.62
CA THR B 219 15.57 -9.66 17.12
C THR B 219 16.50 -10.74 16.63
N VAL B 220 17.47 -10.36 15.78
CA VAL B 220 18.39 -11.31 15.17
C VAL B 220 19.79 -10.75 15.22
N ALA C 1 -19.35 26.70 -7.68
CA ALA C 1 -19.46 25.41 -8.44
C ALA C 1 -19.55 24.24 -7.49
N PRO C 2 -20.12 23.11 -7.94
CA PRO C 2 -20.16 21.90 -7.11
C PRO C 2 -18.75 21.42 -6.75
N ARG C 3 -18.62 20.68 -5.65
CA ARG C 3 -17.33 20.14 -5.25
C ARG C 3 -16.90 19.00 -6.16
N SER C 4 -17.87 18.32 -6.79
CA SER C 4 -17.52 17.35 -7.82
C SER C 4 -18.56 17.37 -8.95
N VAL C 5 -18.10 16.95 -10.13
CA VAL C 5 -18.91 16.90 -11.32
C VAL C 5 -18.53 15.64 -12.12
N ASP C 6 -19.52 14.95 -12.65
CA ASP C 6 -19.26 13.83 -13.58
C ASP C 6 -20.34 13.78 -14.64
N TRP C 7 -20.06 14.36 -15.81
CA TRP C 7 -21.02 14.47 -16.88
C TRP C 7 -21.45 13.13 -17.47
N ARG C 8 -20.68 12.06 -17.23
CA ARG C 8 -21.11 10.73 -17.69
C ARG C 8 -22.42 10.30 -17.04
N GLU C 9 -22.59 10.69 -15.77
CA GLU C 9 -23.79 10.34 -15.02
C GLU C 9 -25.02 11.03 -15.57
N LYS C 10 -24.79 12.15 -16.29
CA LYS C 10 -25.87 12.98 -16.79
C LYS C 10 -26.21 12.69 -18.25
N GLY C 11 -25.50 11.75 -18.87
CA GLY C 11 -25.80 11.34 -20.21
C GLY C 11 -25.06 12.07 -21.32
N TYR C 12 -24.03 12.84 -20.99
CA TYR C 12 -23.36 13.70 -21.97
C TYR C 12 -22.23 13.02 -22.75
N VAL C 13 -21.89 11.78 -22.40
CA VAL C 13 -20.62 11.20 -22.82
C VAL C 13 -20.81 9.82 -23.47
N THR C 14 -20.29 9.67 -24.69
CA THR C 14 -20.34 8.40 -25.40
C THR C 14 -19.28 7.45 -24.83
N PRO C 15 -19.37 6.15 -25.15
CA PRO C 15 -18.29 5.26 -24.74
C PRO C 15 -16.92 5.69 -25.25
N VAL C 16 -15.90 5.19 -24.61
CA VAL C 16 -14.52 5.41 -25.02
C VAL C 16 -14.24 4.80 -26.39
N LYS C 17 -13.54 5.59 -27.19
CA LYS C 17 -13.16 5.27 -28.55
C LYS C 17 -11.65 5.05 -28.62
N ASN C 18 -11.19 4.56 -29.77
CA ASN C 18 -9.76 4.31 -29.98
C ASN C 18 -9.32 4.91 -31.31
N GLN C 19 -8.44 5.89 -31.21
CA GLN C 19 -7.92 6.55 -32.43
C GLN C 19 -6.97 5.69 -33.23
N GLY C 20 -6.53 4.57 -32.66
CA GLY C 20 -5.60 3.70 -33.35
C GLY C 20 -4.26 4.39 -33.50
N GLN C 21 -3.55 4.15 -34.61
CA GLN C 21 -2.19 4.72 -34.78
C GLN C 21 -2.09 6.06 -35.53
N CYS C 22 -3.22 6.72 -35.66
CA CYS C 22 -3.37 7.99 -36.36
C CYS C 22 -3.35 9.12 -35.33
N GLY C 23 -2.68 10.22 -35.66
CA GLY C 23 -2.57 11.38 -34.75
C GLY C 23 -3.79 12.28 -34.75
N SER C 24 -4.94 11.68 -34.50
CA SER C 24 -6.24 12.34 -34.61
C SER C 24 -6.88 12.61 -33.25
N CYS C 25 -6.09 12.66 -32.18
CA CYS C 25 -6.63 12.93 -30.86
C CYS C 25 -7.50 14.16 -30.83
N TRP C 26 -7.08 15.19 -31.57
CA TRP C 26 -7.82 16.45 -31.66
C TRP C 26 -9.25 16.26 -32.17
N ALA C 27 -9.42 15.30 -33.07
CA ALA C 27 -10.73 15.01 -33.62
C ALA C 27 -11.61 14.31 -32.60
N PHE C 28 -11.01 13.41 -31.81
CA PHE C 28 -11.76 12.75 -30.73
C PHE C 28 -12.12 13.71 -29.61
N SER C 29 -11.20 14.61 -29.26
CA SER C 29 -11.50 15.62 -28.26
C SER C 29 -12.67 16.50 -28.77
N ALA C 30 -12.62 16.90 -30.04
CA ALA C 30 -13.63 17.78 -30.59
C ALA C 30 -14.98 17.07 -30.65
N THR C 31 -15.03 15.83 -31.14
CA THR C 31 -16.32 15.12 -31.19
C THR C 31 -16.86 14.91 -29.79
N GLY C 32 -16.00 14.62 -28.81
CA GLY C 32 -16.49 14.49 -27.45
C GLY C 32 -17.13 15.75 -26.93
N ALA C 33 -16.50 16.90 -27.18
CA ALA C 33 -17.08 18.15 -26.69
C ALA C 33 -18.39 18.46 -27.42
N LEU C 34 -18.43 18.20 -28.72
N LEU C 34 -18.40 18.22 -28.73
CA LEU C 34 -19.64 18.44 -29.49
CA LEU C 34 -19.61 18.39 -29.54
C LEU C 34 -20.75 17.44 -29.17
C LEU C 34 -20.73 17.47 -29.08
N GLU C 35 -20.38 16.20 -28.82
CA GLU C 35 -21.37 15.21 -28.38
C GLU C 35 -22.07 15.73 -27.13
N GLY C 36 -21.28 16.28 -26.22
CA GLY C 36 -21.81 16.83 -24.97
C GLY C 36 -22.71 18.02 -25.21
N GLN C 37 -22.27 18.97 -26.05
CA GLN C 37 -23.10 20.14 -26.30
C GLN C 37 -24.37 19.83 -27.09
N MET C 38 -24.29 18.92 -28.05
CA MET C 38 -25.48 18.49 -28.78
C MET C 38 -26.48 17.80 -27.84
N PHE C 39 -25.98 17.02 -26.90
CA PHE C 39 -26.88 16.39 -25.93
C PHE C 39 -27.55 17.43 -25.04
N ARG C 40 -26.78 18.39 -24.54
CA ARG C 40 -27.34 19.50 -23.76
C ARG C 40 -28.44 20.21 -24.53
N LYS C 41 -28.24 20.42 -25.83
CA LYS C 41 -29.18 21.16 -26.66
C LYS C 41 -30.45 20.37 -26.94
N THR C 42 -30.30 19.09 -27.29
CA THR C 42 -31.38 18.31 -27.88
C THR C 42 -31.85 17.14 -27.04
N GLY C 43 -31.06 16.70 -26.05
CA GLY C 43 -31.38 15.50 -25.29
C GLY C 43 -31.02 14.21 -26.00
N ARG C 44 -30.37 14.27 -27.16
CA ARG C 44 -29.93 13.07 -27.87
C ARG C 44 -28.41 12.98 -27.84
N LEU C 45 -27.92 11.82 -27.38
CA LEU C 45 -26.50 11.51 -27.43
C LEU C 45 -26.21 10.64 -28.66
N ILE C 46 -25.51 11.24 -29.63
CA ILE C 46 -25.20 10.56 -30.88
C ILE C 46 -23.70 10.68 -31.13
N SER C 47 -23.05 9.54 -31.29
CA SER C 47 -21.62 9.48 -31.57
C SER C 47 -21.34 10.10 -32.93
N LEU C 48 -20.34 10.98 -32.96
CA LEU C 48 -20.00 11.80 -34.13
C LEU C 48 -18.74 11.31 -34.84
N SER C 49 -18.62 11.67 -36.11
CA SER C 49 -17.56 11.15 -36.97
C SER C 49 -16.24 11.90 -36.85
N GLU C 50 -15.27 11.27 -36.21
CA GLU C 50 -13.90 11.76 -36.26
C GLU C 50 -13.34 11.71 -37.67
N GLN C 51 -13.70 10.69 -38.44
CA GLN C 51 -13.18 10.56 -39.80
C GLN C 51 -13.57 11.76 -40.66
N ASN C 52 -14.79 12.25 -40.46
CA ASN C 52 -15.27 13.43 -41.16
C ASN C 52 -14.33 14.60 -40.87
N LEU C 53 -13.91 14.76 -39.61
CA LEU C 53 -12.99 15.84 -39.27
C LEU C 53 -11.61 15.63 -39.88
N VAL C 54 -11.10 14.40 -39.80
CA VAL C 54 -9.78 14.08 -40.34
C VAL C 54 -9.70 14.35 -41.84
N ASP C 55 -10.73 13.92 -42.57
CA ASP C 55 -10.75 14.04 -44.02
C ASP C 55 -11.10 15.42 -44.54
N CYS C 56 -11.86 16.20 -43.77
N CYS C 56 -11.86 16.20 -43.77
CA CYS C 56 -12.51 17.39 -44.33
CA CYS C 56 -12.51 17.39 -44.33
C CYS C 56 -12.11 18.74 -43.76
C CYS C 56 -12.09 18.74 -43.76
N SER C 57 -11.46 18.76 -42.59
CA SER C 57 -11.17 20.05 -41.93
C SER C 57 -9.77 20.64 -42.20
N GLY C 58 -9.14 20.16 -43.27
CA GLY C 58 -7.94 20.78 -43.76
C GLY C 58 -8.04 22.29 -43.99
N PRO C 59 -9.12 22.75 -44.64
CA PRO C 59 -9.20 24.18 -44.91
C PRO C 59 -9.22 25.07 -43.67
N GLN C 60 -9.62 24.51 -42.53
CA GLN C 60 -9.62 25.25 -41.29
C GLN C 60 -8.26 25.22 -40.60
N GLY C 61 -7.34 24.40 -41.12
CA GLY C 61 -5.98 24.34 -40.65
C GLY C 61 -5.53 23.00 -40.09
N ASN C 62 -6.43 22.01 -40.06
CA ASN C 62 -6.05 20.72 -39.50
C ASN C 62 -5.27 19.88 -40.48
N GLU C 63 -4.53 18.93 -39.93
CA GLU C 63 -3.56 18.15 -40.68
C GLU C 63 -3.76 16.64 -40.50
N GLY C 64 -5.00 16.22 -40.36
CA GLY C 64 -5.36 14.81 -40.37
C GLY C 64 -4.68 14.00 -39.30
N CYS C 65 -4.07 12.88 -39.71
CA CYS C 65 -3.32 12.03 -38.79
C CYS C 65 -1.99 12.65 -38.37
N ASN C 66 -1.63 13.80 -38.95
CA ASN C 66 -0.44 14.53 -38.55
C ASN C 66 -0.70 15.62 -37.52
N GLY C 67 -1.93 15.69 -37.02
CA GLY C 67 -2.26 16.61 -35.93
C GLY C 67 -3.25 17.69 -36.31
N GLY C 68 -3.72 18.40 -35.29
CA GLY C 68 -4.82 19.35 -35.47
C GLY C 68 -5.18 20.00 -34.16
N LEU C 69 -6.19 20.85 -34.23
CA LEU C 69 -6.67 21.61 -33.09
C LEU C 69 -8.17 21.49 -33.00
N MET C 70 -8.65 21.36 -31.77
CA MET C 70 -10.06 21.24 -31.55
C MET C 70 -10.82 22.47 -32.06
N ASP C 71 -10.26 23.67 -31.89
CA ASP C 71 -10.96 24.86 -32.36
C ASP C 71 -11.10 24.89 -33.88
N TYR C 72 -10.09 24.38 -34.59
CA TYR C 72 -10.20 24.27 -36.04
C TYR C 72 -11.31 23.29 -36.44
N ALA C 73 -11.45 22.20 -35.68
CA ALA C 73 -12.58 21.29 -35.89
C ALA C 73 -13.92 21.96 -35.65
N PHE C 74 -14.04 22.74 -34.59
CA PHE C 74 -15.31 23.42 -34.30
C PHE C 74 -15.61 24.41 -35.42
N GLN C 75 -14.57 25.06 -35.92
CA GLN C 75 -14.71 25.99 -37.04
C GLN C 75 -15.19 25.28 -38.31
N TYR C 76 -14.67 24.08 -38.56
CA TYR C 76 -15.11 23.32 -39.71
C TYR C 76 -16.60 23.05 -39.61
N VAL C 77 -17.07 22.60 -38.45
CA VAL C 77 -18.46 22.24 -38.35
C VAL C 77 -19.35 23.48 -38.65
N GLN C 78 -18.93 24.64 -38.15
CA GLN C 78 -19.65 25.87 -38.41
C GLN C 78 -19.63 26.23 -39.90
N ASP C 79 -18.43 26.26 -40.48
CA ASP C 79 -18.29 26.58 -41.91
C ASP C 79 -19.08 25.62 -42.81
N ASN C 80 -19.04 24.34 -42.45
CA ASN C 80 -19.57 23.27 -43.27
C ASN C 80 -21.08 23.15 -43.09
N GLY C 81 -21.60 23.66 -41.98
CA GLY C 81 -23.02 23.56 -41.69
C GLY C 81 -23.46 22.19 -41.21
N GLY C 82 -22.51 21.38 -40.74
CA GLY C 82 -22.87 20.07 -40.24
C GLY C 82 -21.70 19.14 -40.03
N LEU C 83 -22.00 17.99 -39.43
CA LEU C 83 -21.02 16.94 -39.17
C LEU C 83 -21.77 15.62 -39.13
N ASP C 84 -21.24 14.63 -39.83
CA ASP C 84 -21.90 13.33 -39.93
C ASP C 84 -21.78 12.50 -38.64
N SER C 85 -22.71 11.56 -38.47
CA SER C 85 -22.65 10.59 -37.39
C SER C 85 -21.49 9.60 -37.58
N GLU C 86 -21.00 9.07 -36.47
CA GLU C 86 -20.03 7.98 -36.48
C GLU C 86 -20.57 6.81 -37.31
N GLU C 87 -21.85 6.47 -37.14
CA GLU C 87 -22.46 5.34 -37.84
C GLU C 87 -22.37 5.53 -39.36
N SER C 88 -22.69 6.73 -39.83
CA SER C 88 -22.70 7.04 -41.25
C SER C 88 -21.33 7.19 -41.90
N TYR C 89 -20.34 7.56 -41.11
CA TYR C 89 -19.01 7.92 -41.61
C TYR C 89 -18.01 7.39 -40.58
N PRO C 90 -17.90 6.05 -40.50
CA PRO C 90 -17.08 5.45 -39.44
C PRO C 90 -15.57 5.67 -39.55
N TYR C 91 -14.89 5.36 -38.46
CA TYR C 91 -13.49 5.71 -38.31
C TYR C 91 -12.56 4.69 -38.96
N GLU C 92 -11.66 5.18 -39.79
CA GLU C 92 -10.77 4.33 -40.60
C GLU C 92 -9.31 4.43 -40.18
N ALA C 93 -8.99 5.37 -39.29
CA ALA C 93 -7.64 5.56 -38.79
C ALA C 93 -6.60 5.87 -39.87
N THR C 94 -7.05 6.50 -40.94
CA THR C 94 -6.15 7.03 -41.97
C THR C 94 -6.90 8.11 -42.75
N GLU C 95 -6.17 9.12 -43.18
CA GLU C 95 -6.79 10.23 -43.90
C GLU C 95 -7.06 9.93 -45.35
N GLU C 96 -8.27 10.28 -45.79
CA GLU C 96 -8.67 10.14 -47.17
C GLU C 96 -9.41 11.38 -47.61
N SER C 97 -9.90 11.36 -48.84
CA SER C 97 -10.70 12.46 -49.37
C SER C 97 -12.01 12.61 -48.59
N CYS C 98 -12.56 13.81 -48.59
N CYS C 98 -12.52 13.83 -48.58
CA CYS C 98 -13.74 14.13 -47.82
CA CYS C 98 -13.81 14.17 -47.96
C CYS C 98 -15.00 13.48 -48.40
C CYS C 98 -14.94 13.29 -48.48
N LYS C 99 -15.72 12.73 -47.56
CA LYS C 99 -16.94 12.01 -47.92
C LYS C 99 -18.17 12.55 -47.19
N TYR C 100 -18.10 13.80 -46.75
CA TYR C 100 -19.20 14.41 -46.02
C TYR C 100 -20.49 14.38 -46.84
N ASN C 101 -21.56 13.98 -46.18
CA ASN C 101 -22.89 13.92 -46.78
C ASN C 101 -23.86 14.70 -45.89
N PRO C 102 -24.41 15.82 -46.37
CA PRO C 102 -25.30 16.59 -45.51
C PRO C 102 -26.56 15.84 -45.07
N LYS C 103 -26.97 14.80 -45.81
CA LYS C 103 -28.13 13.99 -45.39
C LYS C 103 -27.92 13.34 -44.02
N TYR C 104 -26.68 13.00 -43.68
CA TYR C 104 -26.41 12.28 -42.43
C TYR C 104 -25.81 13.17 -41.37
N SER C 105 -25.93 14.48 -41.56
CA SER C 105 -25.44 15.41 -40.57
C SER C 105 -26.32 15.29 -39.33
N VAL C 106 -25.71 15.19 -38.16
CA VAL C 106 -26.46 15.14 -36.91
C VAL C 106 -26.00 16.16 -35.88
N ALA C 107 -25.13 17.08 -36.26
CA ALA C 107 -24.61 18.06 -35.34
C ALA C 107 -24.27 19.30 -36.10
N ASN C 108 -24.27 20.41 -35.37
CA ASN C 108 -23.94 21.71 -35.90
C ASN C 108 -23.26 22.50 -34.80
N ASP C 109 -22.59 23.59 -35.16
CA ASP C 109 -22.15 24.55 -34.16
C ASP C 109 -22.06 25.92 -34.78
N ALA C 110 -22.10 26.90 -33.89
CA ALA C 110 -22.15 28.31 -34.27
C ALA C 110 -20.93 29.02 -33.76
N GLY C 111 -19.82 28.29 -33.68
CA GLY C 111 -18.58 28.83 -33.17
C GLY C 111 -18.06 28.05 -31.99
N PHE C 112 -17.14 28.68 -31.27
CA PHE C 112 -16.51 28.04 -30.12
C PHE C 112 -16.09 29.10 -29.15
N VAL C 113 -15.82 28.65 -27.92
CA VAL C 113 -15.42 29.51 -26.84
C VAL C 113 -14.09 29.00 -26.26
N ASP C 114 -13.09 29.87 -26.24
CA ASP C 114 -11.83 29.62 -25.56
C ASP C 114 -11.91 30.09 -24.11
N ILE C 115 -11.39 29.25 -23.21
CA ILE C 115 -11.45 29.50 -21.78
C ILE C 115 -10.09 30.09 -21.35
N PRO C 116 -10.08 31.07 -20.41
CA PRO C 116 -8.79 31.59 -19.94
C PRO C 116 -7.88 30.51 -19.35
N LYS C 117 -6.58 30.78 -19.37
CA LYS C 117 -5.54 29.78 -19.06
C LYS C 117 -5.36 29.63 -17.56
N GLN C 118 -6.46 29.30 -16.87
CA GLN C 118 -6.47 29.14 -15.42
C GLN C 118 -7.39 28.00 -15.02
N GLU C 119 -6.95 27.18 -14.08
CA GLU C 119 -7.73 26.07 -13.61
C GLU C 119 -9.04 26.48 -12.95
N LYS C 120 -9.11 27.66 -12.33
CA LYS C 120 -10.41 28.11 -11.80
C LYS C 120 -11.43 28.36 -12.90
N ALA C 121 -10.97 28.93 -14.02
CA ALA C 121 -11.86 29.13 -15.15
C ALA C 121 -12.26 27.80 -15.79
N LEU C 122 -11.32 26.87 -15.87
CA LEU C 122 -11.66 25.55 -16.39
C LEU C 122 -12.71 24.87 -15.52
N MET C 123 -12.58 24.99 -14.19
CA MET C 123 -13.55 24.38 -13.30
C MET C 123 -14.94 24.97 -13.51
N LYS C 124 -15.01 26.29 -13.62
CA LYS C 124 -16.28 26.94 -13.86
C LYS C 124 -16.92 26.48 -15.18
N ALA C 125 -16.12 26.31 -16.23
CA ALA C 125 -16.63 25.86 -17.52
C ALA C 125 -17.14 24.42 -17.42
N VAL C 126 -16.37 23.56 -16.78
CA VAL C 126 -16.81 22.19 -16.64
C VAL C 126 -18.12 22.17 -15.87
N ALA C 127 -18.21 22.95 -14.81
CA ALA C 127 -19.43 22.94 -14.00
C ALA C 127 -20.66 23.43 -14.76
N THR C 128 -20.47 24.43 -15.61
CA THR C 128 -21.59 25.19 -16.18
C THR C 128 -21.91 24.87 -17.63
N VAL C 129 -21.00 24.20 -18.32
CA VAL C 129 -21.13 23.93 -19.77
C VAL C 129 -21.34 22.45 -20.08
N GLY C 130 -20.48 21.61 -19.55
CA GLY C 130 -20.40 20.22 -19.94
C GLY C 130 -18.96 19.85 -20.19
N PRO C 131 -18.74 18.71 -20.84
CA PRO C 131 -17.39 18.28 -21.16
C PRO C 131 -16.64 19.33 -21.98
N ILE C 132 -15.37 19.50 -21.69
CA ILE C 132 -14.53 20.55 -22.27
C ILE C 132 -13.31 19.94 -22.97
N SER C 133 -13.04 20.39 -24.20
CA SER C 133 -11.82 19.99 -24.91
C SER C 133 -10.61 20.65 -24.28
N VAL C 134 -9.58 19.86 -24.00
CA VAL C 134 -8.32 20.35 -23.47
C VAL C 134 -7.15 19.65 -24.14
N ALA C 135 -5.98 20.26 -24.06
CA ALA C 135 -4.73 19.61 -24.45
C ALA C 135 -3.86 19.43 -23.20
N ILE C 136 -3.12 18.32 -23.19
CA ILE C 136 -2.21 18.00 -22.11
C ILE C 136 -0.88 17.55 -22.67
N ASP C 137 0.13 17.62 -21.82
CA ASP C 137 1.41 16.99 -22.04
C ASP C 137 1.28 15.51 -21.67
N ALA C 138 1.11 14.66 -22.68
CA ALA C 138 0.96 13.21 -22.51
C ALA C 138 2.25 12.49 -22.88
N GLY C 139 3.32 13.26 -23.06
CA GLY C 139 4.59 12.75 -23.61
C GLY C 139 5.53 12.16 -22.58
N HIS C 140 4.99 11.28 -21.73
CA HIS C 140 5.78 10.58 -20.69
C HIS C 140 5.29 9.15 -20.55
N GLU C 141 6.19 8.20 -20.30
CA GLU C 141 5.77 6.79 -20.30
C GLU C 141 4.82 6.53 -19.14
N SER C 142 4.94 7.32 -18.08
CA SER C 142 3.99 7.21 -16.95
C SER C 142 2.53 7.39 -17.41
N PHE C 143 2.29 8.23 -18.42
CA PHE C 143 0.96 8.39 -19.01
C PHE C 143 0.57 7.18 -19.84
N LEU C 144 1.51 6.65 -20.64
CA LEU C 144 1.28 5.43 -21.41
C LEU C 144 0.90 4.28 -20.51
N PHE C 145 1.55 4.18 -19.35
CA PHE C 145 1.40 3.05 -18.43
C PHE C 145 0.30 3.26 -17.38
N TYR C 146 -0.35 4.42 -17.38
CA TYR C 146 -1.34 4.74 -16.38
C TYR C 146 -2.46 3.70 -16.30
N LYS C 147 -2.81 3.26 -15.08
N LYS C 147 -2.83 3.36 -15.07
CA LYS C 147 -3.90 2.29 -14.84
CA LYS C 147 -3.88 2.42 -14.82
C LYS C 147 -4.94 2.73 -13.79
C LYS C 147 -4.94 3.00 -13.90
N GLU C 148 -4.50 3.43 -12.74
CA GLU C 148 -5.39 3.86 -11.66
C GLU C 148 -4.73 5.00 -10.88
N GLY C 149 -5.57 5.78 -10.19
CA GLY C 149 -5.11 6.80 -9.27
C GLY C 149 -5.10 8.20 -9.85
N ILE C 150 -4.55 9.13 -9.07
CA ILE C 150 -4.48 10.52 -9.50
C ILE C 150 -3.14 10.71 -10.21
N TYR C 151 -3.22 10.88 -11.53
CA TYR C 151 -2.02 10.97 -12.34
C TYR C 151 -1.28 12.23 -12.01
N PHE C 152 -0.02 12.06 -11.67
CA PHE C 152 0.86 13.18 -11.46
C PHE C 152 2.25 12.77 -11.92
N GLU C 153 2.87 13.61 -12.75
CA GLU C 153 4.12 13.31 -13.42
C GLU C 153 5.04 14.51 -13.22
N PRO C 154 6.09 14.34 -12.41
CA PRO C 154 6.88 15.50 -12.09
C PRO C 154 7.56 16.19 -13.29
N ASP C 155 7.78 15.46 -14.38
CA ASP C 155 8.41 16.03 -15.57
C ASP C 155 7.39 16.64 -16.56
N CYS C 156 6.12 16.75 -16.19
CA CYS C 156 5.11 17.35 -17.08
C CYS C 156 5.38 18.83 -17.33
N SER C 157 4.99 19.29 -18.51
CA SER C 157 5.05 20.70 -18.86
C SER C 157 3.66 21.32 -18.80
N SER C 158 3.60 22.58 -18.38
CA SER C 158 2.36 23.36 -18.35
C SER C 158 2.17 24.24 -19.60
N GLU C 159 3.18 24.29 -20.47
CA GLU C 159 3.13 25.15 -21.65
C GLU C 159 3.23 24.40 -22.98
N ASP C 160 3.83 23.21 -22.95
CA ASP C 160 4.04 22.39 -24.15
C ASP C 160 3.20 21.11 -24.10
N MET C 161 1.99 21.20 -24.64
CA MET C 161 1.05 20.09 -24.69
C MET C 161 1.07 19.44 -26.06
N ASP C 162 0.75 18.15 -26.12
CA ASP C 162 0.80 17.40 -27.37
C ASP C 162 -0.42 16.51 -27.64
N HIS C 163 -1.43 16.50 -26.77
CA HIS C 163 -2.48 15.49 -26.86
C HIS C 163 -3.80 16.10 -26.43
N GLY C 164 -4.78 16.03 -27.31
CA GLY C 164 -6.12 16.53 -27.06
C GLY C 164 -6.95 15.45 -26.42
N VAL C 165 -7.65 15.81 -25.33
CA VAL C 165 -8.50 14.90 -24.57
C VAL C 165 -9.73 15.68 -24.11
N LEU C 166 -10.56 15.10 -23.27
CA LEU C 166 -11.84 15.68 -22.93
C LEU C 166 -11.98 15.64 -21.41
N VAL C 167 -12.19 16.79 -20.77
CA VAL C 167 -12.49 16.82 -19.35
C VAL C 167 -14.00 16.62 -19.19
N VAL C 168 -14.37 15.57 -18.48
CA VAL C 168 -15.79 15.25 -18.27
C VAL C 168 -16.25 15.49 -16.83
N GLY C 169 -15.36 15.98 -15.98
CA GLY C 169 -15.71 16.23 -14.59
C GLY C 169 -14.49 16.52 -13.76
N TYR C 170 -14.72 16.54 -12.44
CA TYR C 170 -13.66 16.78 -11.49
C TYR C 170 -14.15 16.30 -10.12
N GLY C 171 -13.20 16.13 -9.20
CA GLY C 171 -13.54 15.73 -7.84
C GLY C 171 -12.37 15.89 -6.89
N PHE C 172 -12.49 15.21 -5.75
CA PHE C 172 -11.53 15.38 -4.65
C PHE C 172 -11.39 14.04 -3.92
N ASN C 180 -4.82 16.55 -3.53
CA ASN C 180 -5.92 15.58 -3.55
C ASN C 180 -6.86 15.61 -4.77
N LYS C 181 -6.99 16.79 -5.38
CA LYS C 181 -8.08 17.01 -6.32
C LYS C 181 -7.72 16.50 -7.72
N TYR C 182 -8.73 16.21 -8.53
CA TYR C 182 -8.47 15.72 -9.87
C TYR C 182 -9.50 16.20 -10.89
N TRP C 183 -9.04 16.20 -12.13
CA TRP C 183 -9.88 16.30 -13.33
C TRP C 183 -10.20 14.90 -13.84
N LEU C 184 -11.45 14.66 -14.23
CA LEU C 184 -11.82 13.36 -14.80
C LEU C 184 -11.75 13.51 -16.32
N VAL C 185 -10.87 12.72 -16.96
CA VAL C 185 -10.50 12.94 -18.33
C VAL C 185 -10.74 11.67 -19.17
N LYS C 186 -11.48 11.83 -20.27
CA LYS C 186 -11.69 10.80 -21.25
C LYS C 186 -10.59 10.87 -22.30
N ASN C 187 -9.89 9.76 -22.49
CA ASN C 187 -8.87 9.64 -23.52
C ASN C 187 -9.48 8.89 -24.71
N SER C 188 -8.72 8.73 -25.79
CA SER C 188 -9.17 8.04 -27.01
C SER C 188 -8.20 6.95 -27.39
N TRP C 189 -7.74 6.19 -26.39
CA TRP C 189 -6.82 5.08 -26.59
C TRP C 189 -7.45 3.73 -26.25
N GLY C 190 -8.76 3.65 -26.33
CA GLY C 190 -9.49 2.44 -26.01
C GLY C 190 -9.67 2.22 -24.52
N GLU C 191 -10.46 1.19 -24.19
CA GLU C 191 -10.86 0.89 -22.81
C GLU C 191 -9.78 0.15 -22.02
N GLU C 192 -8.77 -0.40 -22.71
CA GLU C 192 -7.71 -1.14 -22.02
C GLU C 192 -6.79 -0.18 -21.31
N TRP C 193 -6.56 0.99 -21.90
CA TRP C 193 -5.76 2.01 -21.25
C TRP C 193 -6.46 2.64 -20.02
N GLY C 194 -5.70 2.88 -18.95
CA GLY C 194 -6.24 3.63 -17.80
C GLY C 194 -7.40 2.94 -17.11
N MET C 195 -8.33 3.75 -16.62
N MET C 195 -8.32 3.72 -16.57
CA MET C 195 -9.50 3.25 -15.91
CA MET C 195 -9.50 3.17 -15.87
C MET C 195 -10.66 3.19 -16.89
C MET C 195 -10.71 3.13 -16.81
N GLY C 196 -10.77 2.08 -17.62
CA GLY C 196 -11.79 1.97 -18.67
C GLY C 196 -11.60 3.05 -19.73
N GLY C 197 -10.36 3.53 -19.92
CA GLY C 197 -10.08 4.56 -20.94
C GLY C 197 -10.04 5.99 -20.38
N TYR C 198 -10.28 6.11 -19.08
CA TYR C 198 -10.25 7.39 -18.36
C TYR C 198 -9.02 7.52 -17.48
N VAL C 199 -8.71 8.78 -17.16
CA VAL C 199 -7.63 9.11 -16.24
C VAL C 199 -8.09 10.22 -15.31
N LYS C 200 -7.72 10.09 -14.03
CA LYS C 200 -7.88 11.17 -13.06
C LYS C 200 -6.56 11.96 -13.07
N MET C 201 -6.61 13.23 -13.45
N MET C 201 -6.61 13.20 -13.57
CA MET C 201 -5.42 14.03 -13.57
CA MET C 201 -5.44 14.09 -13.68
C MET C 201 -5.33 15.13 -12.53
C MET C 201 -5.36 15.04 -12.46
N ALA C 202 -4.16 15.27 -11.91
CA ALA C 202 -3.98 16.23 -10.82
C ALA C 202 -4.60 17.59 -11.14
N LYS C 203 -5.44 18.07 -10.21
CA LYS C 203 -6.14 19.35 -10.31
C LYS C 203 -5.66 20.31 -9.24
N ASP C 204 -5.51 21.58 -9.61
CA ASP C 204 -5.06 22.64 -8.71
C ASP C 204 -3.66 22.40 -8.13
N ARG C 205 -2.80 21.82 -8.98
CA ARG C 205 -1.37 21.67 -8.74
C ARG C 205 -0.59 22.36 -9.87
N ARG C 206 -0.76 23.68 -9.92
CA ARG C 206 -0.05 24.58 -10.82
C ARG C 206 -0.27 24.21 -12.29
N ASN C 207 -1.52 23.96 -12.64
CA ASN C 207 -1.91 23.70 -14.04
C ASN C 207 -1.12 22.51 -14.59
N HIS C 208 -1.23 21.41 -13.89
CA HIS C 208 -0.39 20.27 -14.16
C HIS C 208 -0.62 19.69 -15.55
N CYS C 209 0.48 19.45 -16.27
CA CYS C 209 0.47 18.96 -17.64
C CYS C 209 -0.24 19.92 -18.62
N GLY C 210 -0.49 21.15 -18.21
CA GLY C 210 -1.04 22.19 -19.10
C GLY C 210 -2.53 22.04 -19.38
N ILE C 211 -3.24 21.34 -18.52
CA ILE C 211 -4.63 21.00 -18.76
C ILE C 211 -5.54 22.22 -18.94
N ALA C 212 -5.18 23.37 -18.36
CA ALA C 212 -5.99 24.59 -18.50
C ALA C 212 -5.43 25.52 -19.57
N SER C 213 -4.37 25.12 -20.25
CA SER C 213 -3.66 25.99 -21.18
C SER C 213 -4.28 26.16 -22.57
N ALA C 214 -5.13 25.21 -23.01
CA ALA C 214 -5.72 25.25 -24.35
C ALA C 214 -7.10 24.58 -24.31
N ALA C 215 -7.94 25.12 -23.44
CA ALA C 215 -9.27 24.59 -23.20
C ALA C 215 -10.33 25.36 -23.95
N SER C 216 -11.30 24.62 -24.50
CA SER C 216 -12.36 25.24 -25.30
C SER C 216 -13.55 24.30 -25.47
N TYR C 217 -14.65 24.87 -25.96
CA TYR C 217 -15.83 24.09 -26.27
C TYR C 217 -16.59 24.74 -27.40
N PRO C 218 -17.42 23.95 -28.10
CA PRO C 218 -18.19 24.51 -29.19
C PRO C 218 -19.48 25.14 -28.71
N THR C 219 -19.91 26.17 -29.44
CA THR C 219 -21.17 26.89 -29.22
C THR C 219 -22.25 26.22 -30.05
N VAL C 220 -23.31 25.76 -29.39
CA VAL C 220 -24.38 24.99 -30.02
C VAL C 220 -25.71 25.53 -29.52
N ALA D 1 -26.75 -15.35 -35.44
CA ALA D 1 -26.63 -14.11 -34.61
C ALA D 1 -25.39 -13.32 -35.00
N PRO D 2 -25.35 -12.03 -34.63
CA PRO D 2 -24.09 -11.28 -34.81
C PRO D 2 -22.93 -11.93 -34.08
N ARG D 3 -21.71 -11.71 -34.57
CA ARG D 3 -20.51 -12.23 -33.91
C ARG D 3 -20.15 -11.42 -32.67
N SER D 4 -20.58 -10.17 -32.65
N SER D 4 -20.57 -10.16 -32.64
CA SER D 4 -20.29 -9.23 -31.57
CA SER D 4 -20.35 -9.32 -31.47
C SER D 4 -21.52 -8.34 -31.36
C SER D 4 -21.48 -8.32 -31.34
N VAL D 5 -21.81 -8.01 -30.10
CA VAL D 5 -22.86 -7.07 -29.72
C VAL D 5 -22.34 -6.21 -28.54
N ASP D 6 -22.68 -4.91 -28.52
CA ASP D 6 -22.33 -4.05 -27.36
C ASP D 6 -23.40 -2.97 -27.23
N TRP D 7 -24.37 -3.22 -26.35
CA TRP D 7 -25.47 -2.29 -26.19
C TRP D 7 -25.04 -0.95 -25.59
N ARG D 8 -23.84 -0.84 -25.02
CA ARG D 8 -23.36 0.44 -24.51
C ARG D 8 -23.21 1.44 -25.64
N GLU D 9 -22.83 0.96 -26.81
CA GLU D 9 -22.68 1.84 -27.98
C GLU D 9 -24.01 2.33 -28.54
N LYS D 10 -25.10 1.69 -28.15
CA LYS D 10 -26.43 2.05 -28.63
C LYS D 10 -27.22 2.89 -27.64
N GLY D 11 -26.62 3.21 -26.50
CA GLY D 11 -27.25 4.08 -25.50
C GLY D 11 -28.14 3.42 -24.46
N TYR D 12 -28.01 2.12 -24.33
CA TYR D 12 -28.91 1.33 -23.46
C TYR D 12 -28.44 1.22 -21.99
N VAL D 13 -27.23 1.70 -21.67
CA VAL D 13 -26.59 1.32 -20.41
C VAL D 13 -26.07 2.53 -19.66
N THR D 14 -26.45 2.63 -18.39
CA THR D 14 -26.00 3.68 -17.48
C THR D 14 -24.58 3.39 -17.02
N PRO D 15 -23.90 4.37 -16.43
CA PRO D 15 -22.58 4.09 -15.84
C PRO D 15 -22.61 2.99 -14.78
N VAL D 16 -21.44 2.43 -14.51
CA VAL D 16 -21.28 1.44 -13.47
C VAL D 16 -21.59 2.04 -12.10
N LYS D 17 -22.34 1.28 -11.33
CA LYS D 17 -22.75 1.67 -9.99
C LYS D 17 -22.03 0.79 -8.95
N ASN D 18 -22.22 1.08 -7.68
CA ASN D 18 -21.56 0.34 -6.60
C ASN D 18 -22.58 0.00 -5.52
N GLN D 19 -22.87 -1.28 -5.37
CA GLN D 19 -23.79 -1.78 -4.36
C GLN D 19 -23.28 -1.67 -2.91
N GLY D 20 -22.00 -1.37 -2.74
CA GLY D 20 -21.39 -1.35 -1.41
C GLY D 20 -21.38 -2.74 -0.83
N GLN D 21 -21.55 -2.85 0.49
CA GLN D 21 -21.46 -4.18 1.11
C GLN D 21 -22.81 -4.85 1.34
N CYS D 22 -23.84 -4.27 0.76
CA CYS D 22 -25.21 -4.79 0.85
C CYS D 22 -25.38 -5.85 -0.24
N GLY D 23 -26.07 -6.94 0.09
CA GLY D 23 -26.32 -8.03 -0.84
C GLY D 23 -27.45 -7.76 -1.82
N SER D 24 -27.37 -6.62 -2.48
CA SER D 24 -28.42 -6.10 -3.37
C SER D 24 -28.07 -6.22 -4.85
N CYS D 25 -27.13 -7.11 -5.20
CA CYS D 25 -26.76 -7.27 -6.61
C CYS D 25 -27.96 -7.46 -7.53
N TRP D 26 -28.92 -8.24 -7.05
CA TRP D 26 -30.15 -8.55 -7.80
C TRP D 26 -30.89 -7.28 -8.19
N ALA D 27 -30.84 -6.26 -7.34
CA ALA D 27 -31.52 -5.02 -7.62
C ALA D 27 -30.78 -4.21 -8.70
N PHE D 28 -29.44 -4.22 -8.69
CA PHE D 28 -28.64 -3.57 -9.74
C PHE D 28 -28.79 -4.29 -11.06
N SER D 29 -28.81 -5.61 -11.03
CA SER D 29 -29.07 -6.37 -12.26
C SER D 29 -30.44 -6.01 -12.84
N ALA D 30 -31.44 -5.92 -11.97
CA ALA D 30 -32.80 -5.64 -12.43
C ALA D 30 -32.95 -4.22 -12.95
N THR D 31 -32.40 -3.23 -12.25
CA THR D 31 -32.45 -1.87 -12.78
C THR D 31 -31.70 -1.77 -14.10
N GLY D 32 -30.59 -2.48 -14.22
CA GLY D 32 -29.86 -2.46 -15.47
C GLY D 32 -30.68 -2.94 -16.64
N ALA D 33 -31.38 -4.06 -16.45
CA ALA D 33 -32.19 -4.60 -17.53
C ALA D 33 -33.38 -3.71 -17.84
N LEU D 34 -34.00 -3.16 -16.81
N LEU D 34 -34.01 -3.20 -16.80
CA LEU D 34 -35.14 -2.30 -17.01
CA LEU D 34 -35.14 -2.26 -16.97
C LEU D 34 -34.75 -0.94 -17.58
C LEU D 34 -34.71 -0.98 -17.65
N GLU D 35 -33.54 -0.45 -17.26
CA GLU D 35 -32.98 0.77 -17.88
C GLU D 35 -32.87 0.57 -19.39
N GLY D 36 -32.40 -0.61 -19.80
CA GLY D 36 -32.24 -0.89 -21.21
C GLY D 36 -33.59 -0.98 -21.93
N GLN D 37 -34.54 -1.68 -21.33
CA GLN D 37 -35.83 -1.85 -21.99
C GLN D 37 -36.67 -0.57 -22.00
N MET D 38 -36.56 0.24 -20.96
CA MET D 38 -37.19 1.55 -20.98
C MET D 38 -36.58 2.40 -22.10
N PHE D 39 -35.26 2.37 -22.24
CA PHE D 39 -34.60 3.11 -23.33
C PHE D 39 -35.06 2.64 -24.69
N ARG D 40 -35.17 1.33 -24.86
CA ARG D 40 -35.71 0.77 -26.10
C ARG D 40 -37.11 1.33 -26.41
N LYS D 41 -37.94 1.50 -25.39
CA LYS D 41 -39.29 1.99 -25.57
C LYS D 41 -39.37 3.51 -25.81
N THR D 42 -38.68 4.29 -25.00
CA THR D 42 -38.88 5.74 -24.97
C THR D 42 -37.75 6.57 -25.59
N GLY D 43 -36.59 5.95 -25.79
CA GLY D 43 -35.38 6.65 -26.19
C GLY D 43 -34.74 7.53 -25.14
N ARG D 44 -35.16 7.37 -23.88
N ARG D 44 -35.14 7.33 -23.87
CA ARG D 44 -34.56 8.10 -22.77
CA ARG D 44 -34.60 8.08 -22.75
C ARG D 44 -33.95 7.10 -21.80
C ARG D 44 -33.95 7.09 -21.77
N LEU D 45 -32.69 7.34 -21.47
CA LEU D 45 -31.95 6.55 -20.51
C LEU D 45 -32.03 7.24 -19.15
N ILE D 46 -32.67 6.57 -18.19
CA ILE D 46 -32.85 7.14 -16.87
C ILE D 46 -32.42 6.13 -15.84
N SER D 47 -31.47 6.51 -15.01
CA SER D 47 -31.01 5.65 -13.93
C SER D 47 -32.14 5.40 -12.94
N LEU D 48 -32.32 4.13 -12.58
CA LEU D 48 -33.43 3.70 -11.72
C LEU D 48 -32.97 3.34 -10.31
N SER D 49 -33.92 3.35 -9.39
CA SER D 49 -33.63 3.20 -7.95
C SER D 49 -33.53 1.77 -7.48
N GLU D 50 -32.30 1.34 -7.19
CA GLU D 50 -32.08 0.08 -6.51
C GLU D 50 -32.64 0.11 -5.11
N GLN D 51 -32.53 1.26 -4.44
CA GLN D 51 -33.04 1.37 -3.06
C GLN D 51 -34.55 1.08 -3.00
N ASN D 52 -35.27 1.57 -3.99
CA ASN D 52 -36.70 1.30 -4.11
C ASN D 52 -36.97 -0.21 -4.14
N LEU D 53 -36.16 -0.96 -4.89
CA LEU D 53 -36.32 -2.39 -4.92
C LEU D 53 -35.95 -3.06 -3.60
N VAL D 54 -34.84 -2.64 -3.01
CA VAL D 54 -34.39 -3.19 -1.73
C VAL D 54 -35.44 -2.99 -0.63
N ASP D 55 -36.01 -1.80 -0.55
CA ASP D 55 -36.95 -1.47 0.53
C ASP D 55 -38.35 -2.00 0.31
N CYS D 56 -38.75 -2.23 -0.95
N CYS D 56 -38.75 -2.22 -0.95
CA CYS D 56 -40.18 -2.40 -1.24
CA CYS D 56 -40.18 -2.39 -1.26
C CYS D 56 -40.61 -3.73 -1.84
C CYS D 56 -40.60 -3.74 -1.83
N SER D 57 -39.67 -4.52 -2.36
CA SER D 57 -40.05 -5.75 -3.08
C SER D 57 -40.04 -7.03 -2.25
N GLY D 58 -40.06 -6.87 -0.92
CA GLY D 58 -40.28 -8.02 -0.04
C GLY D 58 -41.51 -8.86 -0.34
N PRO D 59 -42.66 -8.22 -0.59
CA PRO D 59 -43.84 -9.02 -0.85
C PRO D 59 -43.75 -9.97 -2.06
N GLN D 60 -42.90 -9.64 -3.03
CA GLN D 60 -42.67 -10.49 -4.18
C GLN D 60 -41.66 -11.60 -3.90
N GLY D 61 -41.03 -11.56 -2.73
CA GLY D 61 -40.12 -12.60 -2.27
C GLY D 61 -38.68 -12.16 -2.02
N ASN D 62 -38.36 -10.92 -2.33
CA ASN D 62 -36.99 -10.43 -2.13
C ASN D 62 -36.69 -10.16 -0.67
N GLU D 63 -35.40 -10.18 -0.35
CA GLU D 63 -34.93 -10.13 1.03
C GLU D 63 -33.87 -9.05 1.22
N GLY D 64 -34.01 -7.95 0.50
CA GLY D 64 -33.21 -6.74 0.75
C GLY D 64 -31.72 -6.96 0.56
N CYS D 65 -30.93 -6.56 1.57
CA CYS D 65 -29.48 -6.79 1.55
C CYS D 65 -29.08 -8.25 1.81
N ASN D 66 -30.06 -9.11 2.10
CA ASN D 66 -29.82 -10.54 2.31
C ASN D 66 -30.10 -11.38 1.04
N GLY D 67 -30.41 -10.71 -0.07
CA GLY D 67 -30.48 -11.35 -1.36
C GLY D 67 -31.86 -11.22 -2.00
N GLY D 68 -31.93 -11.63 -3.25
CA GLY D 68 -33.13 -11.46 -4.04
C GLY D 68 -32.97 -12.05 -5.41
N LEU D 69 -34.05 -11.93 -6.18
CA LEU D 69 -34.08 -12.38 -7.55
C LEU D 69 -34.55 -11.26 -8.48
N MET D 70 -33.92 -11.16 -9.64
CA MET D 70 -34.31 -10.13 -10.62
C MET D 70 -35.78 -10.27 -11.04
N ASP D 71 -36.28 -11.49 -11.22
CA ASP D 71 -37.69 -11.68 -11.63
C ASP D 71 -38.69 -11.18 -10.59
N TYR D 72 -38.35 -11.33 -9.31
CA TYR D 72 -39.17 -10.77 -8.25
C TYR D 72 -39.16 -9.26 -8.31
N ALA D 73 -38.02 -8.68 -8.66
CA ALA D 73 -37.96 -7.22 -8.88
C ALA D 73 -38.85 -6.79 -10.03
N PHE D 74 -38.82 -7.54 -11.12
CA PHE D 74 -39.63 -7.18 -12.28
C PHE D 74 -41.09 -7.29 -11.93
N GLN D 75 -41.42 -8.33 -11.16
CA GLN D 75 -42.79 -8.52 -10.68
C GLN D 75 -43.25 -7.37 -9.80
N TYR D 76 -42.37 -6.93 -8.90
CA TYR D 76 -42.68 -5.79 -8.07
C TYR D 76 -43.02 -4.57 -8.91
N VAL D 77 -42.21 -4.27 -9.91
CA VAL D 77 -42.44 -3.08 -10.72
C VAL D 77 -43.82 -3.15 -11.38
N GLN D 78 -44.18 -4.34 -11.89
CA GLN D 78 -45.50 -4.57 -12.48
C GLN D 78 -46.63 -4.43 -11.44
N ASP D 79 -46.50 -5.14 -10.31
CA ASP D 79 -47.53 -5.14 -9.25
C ASP D 79 -47.73 -3.74 -8.68
N ASN D 80 -46.61 -3.06 -8.51
CA ASN D 80 -46.58 -1.77 -7.87
C ASN D 80 -47.00 -0.62 -8.79
N GLY D 81 -46.98 -0.89 -10.09
CA GLY D 81 -47.33 0.11 -11.08
C GLY D 81 -46.28 1.17 -11.28
N GLY D 82 -45.03 0.87 -10.92
CA GLY D 82 -43.97 1.82 -11.15
C GLY D 82 -42.70 1.56 -10.35
N LEU D 83 -41.69 2.39 -10.65
CA LEU D 83 -40.40 2.35 -10.00
C LEU D 83 -39.79 3.73 -10.09
N ASP D 84 -39.29 4.23 -8.96
CA ASP D 84 -38.72 5.56 -8.90
C ASP D 84 -37.33 5.66 -9.55
N SER D 85 -36.98 6.88 -9.95
CA SER D 85 -35.66 7.17 -10.45
C SER D 85 -34.61 7.10 -9.34
N GLU D 86 -33.38 6.82 -9.75
CA GLU D 86 -32.24 6.87 -8.84
C GLU D 86 -32.13 8.22 -8.15
N GLU D 87 -32.32 9.29 -8.92
CA GLU D 87 -32.23 10.64 -8.41
C GLU D 87 -33.25 10.87 -7.28
N SER D 88 -34.48 10.40 -7.48
CA SER D 88 -35.56 10.63 -6.51
C SER D 88 -35.47 9.74 -5.26
N TYR D 89 -34.76 8.61 -5.36
CA TYR D 89 -34.79 7.61 -4.31
C TYR D 89 -33.39 6.99 -4.28
N PRO D 90 -32.43 7.76 -3.75
CA PRO D 90 -31.03 7.40 -3.80
C PRO D 90 -30.63 6.14 -3.02
N TYR D 91 -29.52 5.56 -3.42
CA TYR D 91 -29.04 4.32 -2.84
C TYR D 91 -28.35 4.55 -1.49
N GLU D 92 -28.74 3.73 -0.51
CA GLU D 92 -28.25 3.84 0.87
C GLU D 92 -27.41 2.65 1.33
N ALA D 93 -27.43 1.55 0.58
CA ALA D 93 -26.70 0.33 0.94
C ALA D 93 -27.13 -0.31 2.25
N THR D 94 -28.38 -0.12 2.64
CA THR D 94 -28.94 -0.77 3.81
C THR D 94 -30.45 -0.78 3.63
N GLU D 95 -31.13 -1.80 4.14
CA GLU D 95 -32.57 -1.91 3.94
C GLU D 95 -33.37 -1.05 4.91
N GLU D 96 -34.29 -0.25 4.38
CA GLU D 96 -35.12 0.63 5.17
C GLU D 96 -36.58 0.42 4.78
N SER D 97 -37.48 1.09 5.48
CA SER D 97 -38.88 1.02 5.07
C SER D 97 -39.10 1.66 3.69
N CYS D 98 -40.14 1.20 3.02
N CYS D 98 -40.13 1.17 3.01
CA CYS D 98 -40.46 1.61 1.66
CA CYS D 98 -40.58 1.64 1.70
C CYS D 98 -40.91 3.07 1.59
C CYS D 98 -40.84 3.15 1.69
N LYS D 99 -40.26 3.84 0.72
CA LYS D 99 -40.56 5.26 0.49
C LYS D 99 -40.96 5.53 -0.95
N TYR D 100 -41.47 4.50 -1.63
CA TYR D 100 -41.94 4.65 -3.01
C TYR D 100 -42.95 5.79 -3.14
N ASN D 101 -42.76 6.62 -4.16
CA ASN D 101 -43.65 7.73 -4.45
C ASN D 101 -43.99 7.68 -5.93
N PRO D 102 -45.26 7.45 -6.28
CA PRO D 102 -45.61 7.31 -7.70
C PRO D 102 -45.35 8.57 -8.52
N LYS D 103 -45.34 9.73 -7.88
CA LYS D 103 -45.04 10.98 -8.59
C LYS D 103 -43.68 10.94 -9.26
N TYR D 104 -42.74 10.19 -8.68
CA TYR D 104 -41.38 10.09 -9.24
C TYR D 104 -41.09 8.80 -9.97
N SER D 105 -42.14 8.03 -10.28
CA SER D 105 -41.97 6.82 -11.05
C SER D 105 -41.61 7.17 -12.49
N VAL D 106 -40.60 6.47 -13.01
CA VAL D 106 -40.12 6.72 -14.38
C VAL D 106 -40.02 5.45 -15.21
N ALA D 107 -40.38 4.32 -14.65
CA ALA D 107 -40.31 3.05 -15.34
C ALA D 107 -41.52 2.17 -14.96
N ASN D 108 -41.86 1.27 -15.86
CA ASN D 108 -42.92 0.31 -15.67
C ASN D 108 -42.54 -0.97 -16.38
N ASP D 109 -43.17 -2.07 -16.01
CA ASP D 109 -43.09 -3.27 -16.80
C ASP D 109 -44.39 -4.08 -16.72
N ALA D 110 -44.58 -4.93 -17.71
CA ALA D 110 -45.81 -5.69 -17.89
C ALA D 110 -45.51 -7.16 -17.72
N GLY D 111 -44.43 -7.45 -16.98
CA GLY D 111 -43.99 -8.81 -16.73
C GLY D 111 -42.55 -9.04 -17.15
N PHE D 112 -42.22 -10.30 -17.40
CA PHE D 112 -40.83 -10.64 -17.73
C PHE D 112 -40.76 -11.96 -18.49
N VAL D 113 -39.60 -12.19 -19.08
CA VAL D 113 -39.35 -13.36 -19.89
C VAL D 113 -38.14 -14.08 -19.31
N ASP D 114 -38.31 -15.37 -19.03
CA ASP D 114 -37.21 -16.25 -18.64
C ASP D 114 -36.66 -16.95 -19.89
N ILE D 115 -35.35 -16.86 -20.07
CA ILE D 115 -34.66 -17.42 -21.24
C ILE D 115 -34.31 -18.89 -20.98
N PRO D 116 -34.49 -19.77 -22.00
CA PRO D 116 -34.05 -21.15 -21.86
C PRO D 116 -32.60 -21.27 -21.41
N LYS D 117 -32.27 -22.33 -20.66
CA LYS D 117 -30.98 -22.46 -20.02
C LYS D 117 -29.91 -22.96 -21.00
N GLN D 118 -29.64 -22.14 -22.00
CA GLN D 118 -28.65 -22.46 -23.01
C GLN D 118 -27.98 -21.18 -23.47
N GLU D 119 -26.66 -21.25 -23.65
CA GLU D 119 -25.94 -20.08 -24.10
C GLU D 119 -26.35 -19.61 -25.49
N LYS D 120 -26.78 -20.53 -26.35
CA LYS D 120 -27.27 -20.14 -27.66
C LYS D 120 -28.53 -19.27 -27.54
N ALA D 121 -29.42 -19.62 -26.61
CA ALA D 121 -30.63 -18.83 -26.38
C ALA D 121 -30.29 -17.48 -25.73
N LEU D 122 -29.35 -17.47 -24.81
CA LEU D 122 -28.92 -16.21 -24.23
C LEU D 122 -28.33 -15.30 -25.31
N MET D 123 -27.53 -15.88 -26.20
CA MET D 123 -26.96 -15.07 -27.26
C MET D 123 -28.04 -14.42 -28.12
N LYS D 124 -29.05 -15.21 -28.48
CA LYS D 124 -30.13 -14.69 -29.28
C LYS D 124 -30.88 -13.55 -28.57
N ALA D 125 -31.11 -13.70 -27.26
CA ALA D 125 -31.77 -12.66 -26.47
C ALA D 125 -30.92 -11.40 -26.40
N VAL D 126 -29.62 -11.54 -26.10
CA VAL D 126 -28.76 -10.38 -26.05
C VAL D 126 -28.76 -9.68 -27.41
N ALA D 127 -28.71 -10.45 -28.51
CA ALA D 127 -28.67 -9.86 -29.82
C ALA D 127 -29.92 -9.10 -30.21
N THR D 128 -31.09 -9.55 -29.76
CA THR D 128 -32.36 -9.02 -30.22
C THR D 128 -33.12 -8.12 -29.22
N VAL D 129 -32.88 -8.30 -27.93
CA VAL D 129 -33.65 -7.62 -26.89
C VAL D 129 -32.92 -6.40 -26.29
N GLY D 130 -31.68 -6.59 -25.91
CA GLY D 130 -30.96 -5.59 -25.12
C GLY D 130 -30.24 -6.28 -23.97
N PRO D 131 -29.73 -5.48 -23.01
CA PRO D 131 -29.07 -6.06 -21.83
C PRO D 131 -29.98 -7.02 -21.10
N ILE D 132 -29.40 -8.11 -20.60
CA ILE D 132 -30.12 -9.23 -20.02
C ILE D 132 -29.63 -9.45 -18.59
N SER D 133 -30.56 -9.56 -17.65
CA SER D 133 -30.19 -9.90 -16.27
C SER D 133 -29.78 -11.36 -16.18
N VAL D 134 -28.65 -11.63 -15.54
CA VAL D 134 -28.18 -13.00 -15.38
C VAL D 134 -27.62 -13.19 -13.98
N ALA D 135 -27.54 -14.45 -13.57
CA ALA D 135 -26.86 -14.81 -12.33
C ALA D 135 -25.67 -15.67 -12.66
N ILE D 136 -24.61 -15.45 -11.90
CA ILE D 136 -23.39 -16.22 -12.06
C ILE D 136 -22.94 -16.75 -10.71
N ASP D 137 -22.20 -17.86 -10.77
CA ASP D 137 -21.45 -18.35 -9.65
C ASP D 137 -20.23 -17.42 -9.56
N ALA D 138 -20.32 -16.44 -8.67
CA ALA D 138 -19.24 -15.52 -8.45
C ALA D 138 -18.45 -15.86 -7.18
N GLY D 139 -18.69 -17.02 -6.58
CA GLY D 139 -18.13 -17.36 -5.29
C GLY D 139 -16.70 -17.91 -5.32
N HIS D 140 -15.77 -17.16 -5.91
CA HIS D 140 -14.34 -17.56 -6.01
C HIS D 140 -13.41 -16.36 -5.92
N GLU D 141 -12.24 -16.53 -5.26
CA GLU D 141 -11.25 -15.44 -5.16
C GLU D 141 -10.89 -14.90 -6.51
N SER D 142 -10.87 -15.77 -7.51
CA SER D 142 -10.54 -15.34 -8.85
C SER D 142 -11.48 -14.24 -9.28
N PHE D 143 -12.77 -14.38 -8.98
CA PHE D 143 -13.78 -13.38 -9.40
C PHE D 143 -13.51 -12.07 -8.63
N LEU D 144 -13.28 -12.17 -7.33
CA LEU D 144 -12.97 -10.97 -6.55
C LEU D 144 -11.76 -10.26 -7.15
N PHE D 145 -10.72 -11.01 -7.49
CA PHE D 145 -9.48 -10.44 -8.05
C PHE D 145 -9.42 -10.31 -9.55
N TYR D 146 -10.53 -10.48 -10.25
CA TYR D 146 -10.53 -10.36 -11.69
C TYR D 146 -10.10 -8.96 -12.10
N LYS D 147 -9.25 -8.87 -13.13
N LYS D 147 -9.19 -8.90 -13.06
CA LYS D 147 -8.66 -7.59 -13.59
CA LYS D 147 -8.66 -7.65 -13.60
C LYS D 147 -8.64 -7.26 -15.13
C LYS D 147 -8.89 -7.37 -15.11
N GLU D 148 -8.40 -8.23 -16.01
CA GLU D 148 -8.52 -7.99 -17.49
C GLU D 148 -8.60 -9.33 -18.23
N GLY D 149 -8.95 -9.28 -19.52
CA GLY D 149 -9.02 -10.50 -20.34
C GLY D 149 -10.29 -11.28 -20.08
N ILE D 150 -10.33 -12.53 -20.55
CA ILE D 150 -11.50 -13.39 -20.42
C ILE D 150 -11.42 -14.20 -19.14
N TYR D 151 -12.43 -14.03 -18.28
CA TYR D 151 -12.52 -14.73 -17.00
C TYR D 151 -12.95 -16.17 -17.19
N PHE D 152 -12.12 -17.11 -16.71
CA PHE D 152 -12.46 -18.56 -16.69
C PHE D 152 -12.00 -19.17 -15.36
N GLU D 153 -12.92 -19.79 -14.63
CA GLU D 153 -12.68 -20.44 -13.34
C GLU D 153 -13.08 -21.92 -13.41
N PRO D 154 -12.09 -22.84 -13.49
CA PRO D 154 -12.33 -24.29 -13.59
C PRO D 154 -13.27 -24.87 -12.54
N ASP D 155 -13.34 -24.22 -11.38
CA ASP D 155 -14.17 -24.72 -10.27
C ASP D 155 -15.55 -24.05 -10.20
N CYS D 156 -15.96 -23.35 -11.26
CA CYS D 156 -17.28 -22.69 -11.30
C CYS D 156 -18.40 -23.73 -11.46
N SER D 157 -19.56 -23.44 -10.85
CA SER D 157 -20.76 -24.25 -11.02
C SER D 157 -21.58 -23.61 -12.12
N SER D 158 -22.24 -24.45 -12.92
CA SER D 158 -23.17 -23.98 -13.93
C SER D 158 -24.61 -24.04 -13.40
N GLU D 159 -24.80 -24.58 -12.20
CA GLU D 159 -26.15 -24.76 -11.63
C GLU D 159 -26.37 -24.03 -10.29
N ASP D 160 -25.29 -23.67 -9.60
N ASP D 160 -25.28 -23.68 -9.60
CA ASP D 160 -25.39 -23.02 -8.28
CA ASP D 160 -25.34 -23.03 -8.28
C ASP D 160 -24.77 -21.63 -8.32
C ASP D 160 -24.75 -21.63 -8.38
N MET D 161 -25.61 -20.64 -8.61
CA MET D 161 -25.18 -19.26 -8.78
C MET D 161 -25.51 -18.39 -7.56
N ASP D 162 -24.73 -17.32 -7.34
CA ASP D 162 -24.91 -16.45 -6.16
C ASP D 162 -24.89 -14.92 -6.38
N HIS D 163 -24.79 -14.47 -7.63
CA HIS D 163 -24.52 -13.05 -7.90
C HIS D 163 -25.24 -12.64 -9.17
N GLY D 164 -26.06 -11.60 -9.06
CA GLY D 164 -26.76 -11.06 -10.22
C GLY D 164 -26.01 -9.91 -10.87
N VAL D 165 -25.91 -9.98 -12.20
CA VAL D 165 -25.18 -9.02 -13.00
C VAL D 165 -25.93 -8.81 -14.31
N LEU D 166 -25.34 -8.06 -15.24
CA LEU D 166 -26.03 -7.66 -16.47
C LEU D 166 -25.15 -7.94 -17.68
N VAL D 167 -25.66 -8.73 -18.61
CA VAL D 167 -24.96 -8.96 -19.87
C VAL D 167 -25.35 -7.84 -20.82
N VAL D 168 -24.38 -7.04 -21.26
CA VAL D 168 -24.62 -5.92 -22.16
C VAL D 168 -24.13 -6.21 -23.58
N GLY D 169 -23.60 -7.40 -23.82
CA GLY D 169 -23.08 -7.75 -25.13
C GLY D 169 -22.23 -8.98 -25.08
N TYR D 170 -21.50 -9.21 -26.17
CA TYR D 170 -20.59 -10.35 -26.27
C TYR D 170 -19.65 -10.09 -27.43
N GLY D 171 -18.57 -10.84 -27.49
CA GLY D 171 -17.63 -10.70 -28.59
C GLY D 171 -16.52 -11.69 -28.49
N PHE D 172 -15.38 -11.36 -29.08
CA PHE D 172 -14.26 -12.28 -29.12
C PHE D 172 -12.95 -11.51 -29.16
N GLU D 173 -11.88 -12.19 -28.75
CA GLU D 173 -10.53 -11.68 -28.94
C GLU D 173 -9.57 -12.86 -28.93
N SER D 174 -8.50 -12.75 -29.70
CA SER D 174 -7.53 -13.84 -29.77
C SER D 174 -6.82 -14.04 -28.44
N THR D 175 -6.66 -15.29 -28.05
CA THR D 175 -6.02 -15.64 -26.79
C THR D 175 -5.01 -16.78 -26.96
N GLU D 176 -4.15 -16.94 -25.96
CA GLU D 176 -3.18 -18.03 -25.91
C GLU D 176 -3.81 -19.39 -26.10
N SER D 177 -4.93 -19.64 -25.41
CA SER D 177 -5.55 -20.96 -25.42
C SER D 177 -6.59 -21.14 -26.53
N ASP D 178 -6.87 -20.09 -27.29
CA ASP D 178 -7.85 -20.10 -28.37
C ASP D 178 -9.28 -20.33 -27.84
N ASN D 179 -9.51 -20.02 -26.58
CA ASN D 179 -10.85 -19.85 -26.00
C ASN D 179 -11.11 -18.35 -26.05
N ASN D 180 -11.75 -17.92 -27.12
CA ASN D 180 -11.69 -16.51 -27.56
C ASN D 180 -12.97 -15.72 -27.34
N LYS D 181 -14.07 -16.41 -26.97
CA LYS D 181 -15.38 -15.75 -26.89
C LYS D 181 -15.70 -15.34 -25.47
N TYR D 182 -16.41 -14.22 -25.35
CA TYR D 182 -16.79 -13.71 -24.05
C TYR D 182 -18.16 -13.04 -24.05
N TRP D 183 -18.77 -13.05 -22.88
CA TRP D 183 -19.91 -12.21 -22.57
C TRP D 183 -19.40 -10.93 -21.93
N LEU D 184 -19.92 -9.80 -22.34
CA LEU D 184 -19.57 -8.52 -21.74
C LEU D 184 -20.55 -8.24 -20.61
N VAL D 185 -20.04 -8.25 -19.38
CA VAL D 185 -20.87 -8.21 -18.19
C VAL D 185 -20.58 -6.97 -17.35
N LYS D 186 -21.62 -6.22 -17.06
CA LYS D 186 -21.58 -5.07 -16.17
C LYS D 186 -21.80 -5.57 -14.74
N ASN D 187 -20.83 -5.28 -13.86
CA ASN D 187 -20.94 -5.63 -12.45
C ASN D 187 -21.40 -4.37 -11.68
N SER D 188 -21.62 -4.50 -10.37
CA SER D 188 -22.05 -3.37 -9.52
C SER D 188 -21.11 -3.21 -8.34
N TRP D 189 -19.81 -3.32 -8.62
CA TRP D 189 -18.77 -3.11 -7.63
C TRP D 189 -17.91 -1.86 -7.89
N GLY D 190 -18.45 -0.88 -8.61
CA GLY D 190 -17.77 0.37 -8.96
C GLY D 190 -16.81 0.20 -10.12
N GLU D 191 -16.24 1.31 -10.57
CA GLU D 191 -15.45 1.33 -11.79
C GLU D 191 -14.00 0.93 -11.58
N GLU D 192 -13.60 0.66 -10.33
CA GLU D 192 -12.22 0.24 -10.00
C GLU D 192 -12.02 -1.27 -10.00
N TRP D 193 -13.09 -2.05 -9.89
CA TRP D 193 -13.04 -3.49 -10.09
C TRP D 193 -13.00 -3.79 -11.59
N GLY D 194 -12.20 -4.76 -11.98
CA GLY D 194 -12.27 -5.24 -13.37
C GLY D 194 -11.86 -4.19 -14.38
N MET D 195 -12.49 -4.25 -15.56
N MET D 195 -12.47 -4.27 -15.56
CA MET D 195 -12.19 -3.33 -16.65
CA MET D 195 -12.18 -3.31 -16.63
C MET D 195 -13.23 -2.21 -16.63
C MET D 195 -13.25 -2.24 -16.58
N GLY D 196 -12.98 -1.16 -15.84
CA GLY D 196 -13.96 -0.09 -15.69
C GLY D 196 -15.27 -0.58 -15.06
N GLY D 197 -15.20 -1.65 -14.27
CA GLY D 197 -16.39 -2.24 -13.64
C GLY D 197 -17.07 -3.37 -14.42
N TYR D 198 -16.48 -3.74 -15.55
CA TYR D 198 -16.96 -4.80 -16.44
C TYR D 198 -16.01 -5.99 -16.38
N VAL D 199 -16.54 -7.14 -16.73
CA VAL D 199 -15.80 -8.38 -16.89
C VAL D 199 -16.21 -9.05 -18.19
N LYS D 200 -15.21 -9.61 -18.87
CA LYS D 200 -15.44 -10.47 -20.03
C LYS D 200 -15.48 -11.89 -19.51
N MET D 201 -16.66 -12.51 -19.53
N MET D 201 -16.70 -12.46 -19.41
CA MET D 201 -16.80 -13.82 -18.96
CA MET D 201 -16.93 -13.83 -18.90
C MET D 201 -16.84 -14.87 -20.04
C MET D 201 -16.77 -14.82 -20.05
N ALA D 202 -16.11 -15.95 -19.83
CA ALA D 202 -15.99 -16.98 -20.85
C ALA D 202 -17.35 -17.38 -21.44
N LYS D 203 -17.43 -17.37 -22.78
CA LYS D 203 -18.64 -17.70 -23.49
C LYS D 203 -18.44 -18.94 -24.32
N ASP D 204 -19.49 -19.73 -24.38
CA ASP D 204 -19.51 -21.01 -25.09
C ASP D 204 -18.48 -22.01 -24.56
N ARG D 205 -18.31 -21.97 -23.23
CA ARG D 205 -17.54 -22.98 -22.49
C ARG D 205 -18.41 -23.67 -21.45
N ARG D 206 -19.39 -24.40 -21.97
CA ARG D 206 -20.29 -25.21 -21.15
C ARG D 206 -21.05 -24.40 -20.09
N ASN D 207 -21.60 -23.26 -20.52
CA ASN D 207 -22.40 -22.42 -19.64
C ASN D 207 -21.61 -22.04 -18.38
N HIS D 208 -20.45 -21.46 -18.62
CA HIS D 208 -19.50 -21.21 -17.58
C HIS D 208 -20.08 -20.30 -16.49
N CYS D 209 -19.93 -20.73 -15.24
CA CYS D 209 -20.42 -20.01 -14.05
C CYS D 209 -21.94 -19.81 -14.06
N GLY D 210 -22.65 -20.55 -14.89
CA GLY D 210 -24.10 -20.59 -14.87
C GLY D 210 -24.74 -19.36 -15.49
N ILE D 211 -24.01 -18.67 -16.35
CA ILE D 211 -24.46 -17.38 -16.89
C ILE D 211 -25.78 -17.47 -17.67
N ALA D 212 -26.06 -18.64 -18.28
CA ALA D 212 -27.32 -18.89 -18.99
C ALA D 212 -28.35 -19.64 -18.14
N SER D 213 -28.06 -19.88 -16.87
CA SER D 213 -28.95 -20.73 -16.04
C SER D 213 -30.13 -19.99 -15.40
N ALA D 214 -30.05 -18.65 -15.32
CA ALA D 214 -31.13 -17.86 -14.70
C ALA D 214 -31.14 -16.46 -15.33
N ALA D 215 -31.30 -16.45 -16.65
CA ALA D 215 -31.29 -15.24 -17.47
C ALA D 215 -32.71 -14.78 -17.73
N SER D 216 -32.95 -13.48 -17.64
CA SER D 216 -34.28 -12.94 -17.86
C SER D 216 -34.24 -11.46 -18.16
N TYR D 217 -35.39 -10.95 -18.59
CA TYR D 217 -35.50 -9.51 -18.86
C TYR D 217 -36.95 -9.09 -18.70
N PRO D 218 -37.17 -7.80 -18.40
CA PRO D 218 -38.53 -7.33 -18.22
C PRO D 218 -39.19 -7.01 -19.56
N THR D 219 -40.51 -7.12 -19.59
CA THR D 219 -41.33 -6.72 -20.72
C THR D 219 -41.86 -5.32 -20.49
N VAL D 220 -41.58 -4.42 -21.42
CA VAL D 220 -42.02 -3.04 -21.29
C VAL D 220 -43.04 -2.73 -22.38
#